data_3ENK
#
_entry.id   3ENK
#
_cell.length_a   56.860
_cell.length_b   83.471
_cell.length_c   82.576
_cell.angle_alpha   90.000
_cell.angle_beta   96.170
_cell.angle_gamma   90.000
#
_symmetry.space_group_name_H-M   'P 1 21 1'
#
loop_
_entity.id
_entity.type
_entity.pdbx_description
1 polymer 'UDP-glucose 4-epimerase'
2 non-polymer NICOTINAMIDE-ADENINE-DINUCLEOTIDE
3 non-polymer "URIDINE-5'-DIPHOSPHATE-GLUCOSE"
4 water water
#
_entity_poly.entity_id   1
_entity_poly.type   'polypeptide(L)'
_entity_poly.pdbx_seq_one_letter_code
;SMSTKGTILVTGGAGYIGSHTAVELLAHGYDVVIADNLVNSKREAIARIEKITGKTPAFHETDVSDERALARIFDAHPIT
AAIHFAALKAVGESVAKPIEYYRNNLDSLLSLLRVMRERAVKRIVFSSSATVYGVPERSPIDETFPLSATNPYGQTKLMA
EQILRDVEAADPSWRVATLRYFNPVGAHESGLIGEDPAGIPNNLMPYVAQVAVGKLEKLRVFGSDYPTPDGTGVRDYIHV
VDLARGHIAALDALERRDASLTVNLGTGRGYSVLEVVRAFEKASGRAVPYELVARRPGDVAECYANPAAAAETIGWKAER
DLERMCADHWRWQENNPRGFV
;
_entity_poly.pdbx_strand_id   A,B
#
# COMPACT_ATOMS: atom_id res chain seq x y z
N MET A 2 -4.37 -32.28 -21.73
CA MET A 2 -4.23 -31.28 -20.65
C MET A 2 -4.97 -31.72 -19.39
N SER A 3 -4.61 -31.13 -18.24
CA SER A 3 -5.18 -31.54 -16.94
C SER A 3 -6.64 -31.17 -16.75
N THR A 4 -7.37 -32.12 -16.20
CA THR A 4 -8.75 -31.93 -15.80
C THR A 4 -8.85 -31.39 -14.35
N LYS A 5 -7.74 -31.38 -13.63
CA LYS A 5 -7.69 -30.83 -12.25
C LYS A 5 -7.54 -29.31 -12.18
N GLY A 6 -6.79 -28.74 -13.11
CA GLY A 6 -6.51 -27.31 -13.06
C GLY A 6 -5.26 -26.94 -13.83
N THR A 7 -5.17 -25.66 -14.16
CA THR A 7 -4.00 -25.12 -14.84
C THR A 7 -3.60 -23.92 -13.97
N ILE A 8 -2.45 -24.04 -13.31
CA ILE A 8 -2.13 -23.12 -12.22
C ILE A 8 -1.02 -22.18 -12.64
N LEU A 9 -1.31 -20.88 -12.63
CA LEU A 9 -0.29 -19.89 -12.83
C LEU A 9 0.45 -19.70 -11.48
N VAL A 10 1.73 -20.01 -11.48
CA VAL A 10 2.56 -19.84 -10.30
C VAL A 10 3.49 -18.66 -10.55
N THR A 11 3.16 -17.49 -10.00
CA THR A 11 4.06 -16.38 -10.22
C THR A 11 5.19 -16.56 -9.22
N GLY A 12 6.41 -16.15 -9.61
CA GLY A 12 7.58 -16.35 -8.77
C GLY A 12 7.92 -17.82 -8.64
N GLY A 13 7.54 -18.62 -9.63
CA GLY A 13 7.67 -20.09 -9.56
C GLY A 13 9.07 -20.64 -9.71
N ALA A 14 10.04 -19.82 -10.16
CA ALA A 14 11.47 -20.21 -10.19
C ALA A 14 12.17 -20.05 -8.84
N GLY A 15 11.50 -19.37 -7.90
CA GLY A 15 12.09 -19.14 -6.59
C GLY A 15 11.98 -20.33 -5.68
N TYR A 16 12.34 -20.13 -4.41
CA TYR A 16 12.47 -21.23 -3.43
C TYR A 16 11.14 -21.95 -3.15
N ILE A 17 10.14 -21.22 -2.64
CA ILE A 17 8.90 -21.87 -2.27
C ILE A 17 8.08 -22.20 -3.51
N GLY A 18 8.13 -21.34 -4.51
CA GLY A 18 7.35 -21.56 -5.71
C GLY A 18 7.80 -22.79 -6.48
N SER A 19 9.12 -23.00 -6.56
CA SER A 19 9.65 -24.20 -7.25
C SER A 19 9.19 -25.46 -6.55
N HIS A 20 9.26 -25.49 -5.23
CA HIS A 20 8.78 -26.64 -4.46
C HIS A 20 7.29 -26.86 -4.66
N THR A 21 6.53 -25.77 -4.71
CA THR A 21 5.11 -25.82 -4.97
C THR A 21 4.78 -26.31 -6.38
N ALA A 22 5.48 -25.79 -7.39
CA ALA A 22 5.33 -26.28 -8.77
C ALA A 22 5.56 -27.82 -8.81
N VAL A 23 6.59 -28.30 -8.12
CA VAL A 23 6.81 -29.77 -7.98
C VAL A 23 5.58 -30.54 -7.44
N GLU A 24 5.04 -30.09 -6.32
CA GLU A 24 3.88 -30.75 -5.72
C GLU A 24 2.63 -30.66 -6.63
N LEU A 25 2.45 -29.53 -7.30
CA LEU A 25 1.29 -29.37 -8.21
C LEU A 25 1.35 -30.35 -9.36
N LEU A 26 2.52 -30.42 -9.99
CA LEU A 26 2.77 -31.29 -11.14
C LEU A 26 2.61 -32.75 -10.72
N ALA A 27 3.15 -33.09 -9.54
CA ALA A 27 3.03 -34.45 -8.98
C ALA A 27 1.58 -34.86 -8.70
N HIS A 28 0.73 -33.88 -8.41
CA HIS A 28 -0.67 -34.15 -8.17
C HIS A 28 -1.55 -33.97 -9.40
N GLY A 29 -0.95 -33.88 -10.57
CA GLY A 29 -1.69 -33.92 -11.82
C GLY A 29 -2.23 -32.59 -12.31
N TYR A 30 -1.81 -31.48 -11.69
CA TYR A 30 -2.14 -30.15 -12.23
C TYR A 30 -1.25 -29.76 -13.39
N ASP A 31 -1.78 -28.97 -14.30
CA ASP A 31 -0.92 -28.30 -15.25
C ASP A 31 -0.39 -27.03 -14.57
N VAL A 32 0.85 -26.68 -14.91
CA VAL A 32 1.54 -25.57 -14.25
C VAL A 32 2.15 -24.59 -15.25
N VAL A 33 1.94 -23.30 -15.01
CA VAL A 33 2.54 -22.25 -15.83
C VAL A 33 3.28 -21.32 -14.90
N ILE A 34 4.60 -21.22 -15.07
CA ILE A 34 5.42 -20.39 -14.19
C ILE A 34 5.75 -19.06 -14.87
N ALA A 35 5.56 -17.97 -14.13
CA ALA A 35 5.92 -16.63 -14.59
C ALA A 35 6.93 -16.08 -13.60
N ASP A 36 8.16 -15.81 -14.05
CA ASP A 36 9.20 -15.36 -13.10
C ASP A 36 10.20 -14.51 -13.89
N ASN A 37 10.51 -13.31 -13.42
CA ASN A 37 11.50 -12.46 -14.09
C ASN A 37 12.93 -12.70 -13.66
N LEU A 38 13.15 -13.75 -12.84
CA LEU A 38 14.48 -14.21 -12.41
C LEU A 38 15.29 -13.13 -11.69
N VAL A 39 14.58 -12.19 -11.07
CA VAL A 39 15.22 -11.15 -10.27
C VAL A 39 15.95 -11.74 -9.02
N ASN A 40 15.48 -12.86 -8.47
CA ASN A 40 16.13 -13.50 -7.33
C ASN A 40 16.25 -15.01 -7.52
N SER A 41 16.30 -15.45 -8.77
CA SER A 41 16.33 -16.88 -9.03
C SER A 41 16.98 -17.14 -10.37
N LYS A 42 17.20 -18.42 -10.66
CA LYS A 42 17.95 -18.79 -11.85
C LYS A 42 17.11 -19.72 -12.72
N ARG A 43 17.25 -19.56 -14.05
CA ARG A 43 16.56 -20.39 -15.02
C ARG A 43 16.74 -21.90 -14.78
N GLU A 44 17.92 -22.28 -14.31
CA GLU A 44 18.19 -23.72 -14.10
C GLU A 44 17.25 -24.35 -13.08
N ALA A 45 16.71 -23.55 -12.17
CA ALA A 45 15.69 -24.09 -11.23
C ALA A 45 14.49 -24.71 -11.98
N ILE A 46 14.13 -24.11 -13.11
CA ILE A 46 13.02 -24.61 -13.91
C ILE A 46 13.39 -25.96 -14.52
N ALA A 47 14.63 -26.10 -15.00
CA ALA A 47 15.07 -27.39 -15.53
C ALA A 47 14.99 -28.46 -14.43
N ARG A 48 15.33 -28.08 -13.20
CA ARG A 48 15.41 -29.03 -12.12
C ARG A 48 14.02 -29.49 -11.70
N ILE A 49 13.02 -28.62 -11.84
CA ILE A 49 11.63 -28.99 -11.56
C ILE A 49 11.23 -30.14 -12.50
N GLU A 50 11.58 -29.99 -13.78
CA GLU A 50 11.43 -31.07 -14.77
C GLU A 50 12.27 -32.33 -14.42
N LYS A 51 13.54 -32.18 -14.04
CA LYS A 51 14.30 -33.38 -13.64
C LYS A 51 13.63 -34.15 -12.52
N ILE A 52 12.99 -33.43 -11.58
CA ILE A 52 12.27 -34.09 -10.48
C ILE A 52 11.00 -34.76 -10.98
N THR A 53 10.12 -33.97 -11.60
CA THR A 53 8.78 -34.46 -11.89
C THR A 53 8.70 -35.28 -13.17
N GLY A 54 9.65 -35.10 -14.08
CA GLY A 54 9.55 -35.67 -15.43
C GLY A 54 8.56 -34.93 -16.31
N LYS A 55 8.07 -33.79 -15.83
CA LYS A 55 7.07 -32.98 -16.55
C LYS A 55 7.62 -31.58 -16.76
N THR A 56 7.23 -30.95 -17.86
CA THR A 56 7.74 -29.64 -18.24
C THR A 56 6.66 -28.61 -17.97
N PRO A 57 6.84 -27.78 -16.93
CA PRO A 57 5.82 -26.74 -16.79
C PRO A 57 6.06 -25.67 -17.85
N ALA A 58 5.04 -24.88 -18.17
CA ALA A 58 5.28 -23.78 -19.07
C ALA A 58 6.10 -22.78 -18.31
N PHE A 59 7.06 -22.14 -18.95
CA PHE A 59 7.82 -21.09 -18.30
C PHE A 59 7.86 -19.79 -19.12
N HIS A 60 7.48 -18.69 -18.48
CA HIS A 60 7.57 -17.38 -19.09
C HIS A 60 8.45 -16.46 -18.24
N GLU A 61 9.51 -15.92 -18.83
CA GLU A 61 10.41 -15.01 -18.11
C GLU A 61 9.81 -13.59 -18.20
N THR A 62 8.93 -13.30 -17.23
CA THR A 62 8.00 -12.19 -17.35
C THR A 62 7.94 -11.43 -16.03
N ASP A 63 8.10 -10.10 -16.08
CA ASP A 63 7.78 -9.26 -14.94
C ASP A 63 6.25 -9.20 -14.84
N VAL A 64 5.71 -9.83 -13.80
CA VAL A 64 4.25 -9.95 -13.70
C VAL A 64 3.53 -8.61 -13.40
N SER A 65 4.26 -7.56 -13.06
CA SER A 65 3.67 -6.22 -12.94
C SER A 65 3.37 -5.57 -14.32
N ASP A 66 3.86 -6.21 -15.38
CA ASP A 66 3.58 -5.74 -16.74
C ASP A 66 2.31 -6.40 -17.20
N GLU A 67 1.18 -5.68 -17.13
CA GLU A 67 -0.11 -6.29 -17.48
C GLU A 67 -0.18 -6.79 -18.91
N ARG A 68 0.42 -6.05 -19.84
CA ARG A 68 0.37 -6.50 -21.24
C ARG A 68 1.14 -7.81 -21.34
N ALA A 69 2.32 -7.88 -20.75
CA ALA A 69 3.12 -9.13 -20.80
C ALA A 69 2.39 -10.28 -20.11
N LEU A 70 1.77 -9.99 -18.96
CA LEU A 70 1.05 -10.99 -18.19
C LEU A 70 -0.20 -11.51 -18.94
N ALA A 71 -0.91 -10.61 -19.61
CA ALA A 71 -2.09 -11.00 -20.39
C ALA A 71 -1.76 -11.97 -21.55
N ARG A 72 -0.57 -11.83 -22.12
CA ARG A 72 -0.10 -12.77 -23.15
C ARG A 72 0.08 -14.19 -22.61
N ILE A 73 0.29 -14.29 -21.29
CA ILE A 73 0.41 -15.61 -20.64
C ILE A 73 -0.97 -16.25 -20.55
N PHE A 74 -1.99 -15.46 -20.25
CA PHE A 74 -3.36 -15.93 -20.20
C PHE A 74 -3.87 -16.25 -21.59
N ASP A 75 -3.43 -15.49 -22.59
CA ASP A 75 -3.73 -15.83 -23.99
C ASP A 75 -3.31 -17.27 -24.29
N ALA A 76 -2.15 -17.66 -23.77
CA ALA A 76 -1.52 -18.91 -24.17
C ALA A 76 -1.96 -20.12 -23.36
N HIS A 77 -2.55 -19.88 -22.19
CA HIS A 77 -2.86 -20.98 -21.27
C HIS A 77 -4.21 -20.79 -20.64
N PRO A 78 -4.99 -21.88 -20.49
CA PRO A 78 -6.31 -21.86 -19.88
C PRO A 78 -6.25 -21.89 -18.35
N ILE A 79 -5.62 -20.87 -17.79
CA ILE A 79 -5.44 -20.73 -16.33
C ILE A 79 -6.76 -20.76 -15.58
N THR A 80 -6.80 -21.56 -14.51
CA THR A 80 -7.97 -21.74 -13.68
C THR A 80 -7.76 -21.14 -12.28
N ALA A 81 -6.50 -20.94 -11.90
CA ALA A 81 -6.18 -20.37 -10.60
C ALA A 81 -4.76 -19.88 -10.61
N ALA A 82 -4.45 -18.98 -9.67
CA ALA A 82 -3.09 -18.47 -9.53
C ALA A 82 -2.59 -18.58 -8.10
N ILE A 83 -1.30 -18.89 -7.96
CA ILE A 83 -0.61 -18.77 -6.68
C ILE A 83 0.45 -17.69 -6.87
N HIS A 84 0.37 -16.64 -6.04
CA HIS A 84 1.22 -15.48 -6.23
C HIS A 84 2.39 -15.51 -5.25
N PHE A 85 3.53 -16.10 -5.66
CA PHE A 85 4.78 -16.00 -4.90
C PHE A 85 5.68 -14.81 -5.23
N ALA A 86 5.42 -14.15 -6.36
CA ALA A 86 6.35 -13.13 -6.85
C ALA A 86 6.42 -11.93 -5.87
N ALA A 87 7.61 -11.63 -5.38
CA ALA A 87 7.86 -10.50 -4.51
C ALA A 87 9.34 -10.41 -4.24
N LEU A 88 9.79 -9.22 -3.86
CA LEU A 88 11.08 -9.05 -3.24
C LEU A 88 10.84 -9.25 -1.76
N LYS A 89 11.82 -9.83 -1.09
CA LYS A 89 11.58 -10.36 0.26
C LYS A 89 12.72 -10.12 1.22
N ALA A 90 13.72 -9.34 0.83
CA ALA A 90 14.85 -9.06 1.74
C ALA A 90 14.47 -7.89 2.66
N VAL A 91 14.25 -8.17 3.94
CA VAL A 91 13.91 -7.11 4.90
C VAL A 91 14.92 -5.94 4.94
N GLY A 92 16.21 -6.25 5.07
CA GLY A 92 17.20 -5.19 5.14
C GLY A 92 17.17 -4.34 3.88
N GLU A 93 17.10 -4.99 2.73
CA GLU A 93 17.02 -4.28 1.45
C GLU A 93 15.72 -3.44 1.41
N SER A 94 14.62 -3.98 1.93
CA SER A 94 13.32 -3.23 1.97
C SER A 94 13.40 -1.94 2.76
N VAL A 95 14.18 -1.94 3.85
CA VAL A 95 14.42 -0.70 4.61
C VAL A 95 15.23 0.30 3.80
N ALA A 96 16.22 -0.20 3.06
CA ALA A 96 17.05 0.64 2.19
C ALA A 96 16.36 1.12 0.93
N LYS A 97 15.51 0.29 0.33
CA LYS A 97 14.87 0.59 -0.97
C LYS A 97 13.36 0.41 -0.92
N PRO A 98 12.68 1.18 -0.04
CA PRO A 98 11.25 0.93 0.18
C PRO A 98 10.44 1.20 -1.08
N ILE A 99 10.82 2.18 -1.89
CA ILE A 99 10.00 2.47 -3.08
C ILE A 99 9.93 1.27 -4.01
N GLU A 100 11.06 0.63 -4.24
CA GLU A 100 11.11 -0.47 -5.18
C GLU A 100 10.34 -1.65 -4.63
N TYR A 101 10.42 -1.83 -3.31
CA TYR A 101 9.68 -2.89 -2.64
C TYR A 101 8.19 -2.68 -2.74
N TYR A 102 7.71 -1.49 -2.35
CA TYR A 102 6.29 -1.16 -2.59
C TYR A 102 5.89 -1.29 -4.06
N ARG A 103 6.69 -0.70 -4.95
CA ARG A 103 6.36 -0.79 -6.36
C ARG A 103 6.32 -2.25 -6.82
N ASN A 104 7.39 -3.00 -6.61
CA ASN A 104 7.40 -4.37 -7.13
C ASN A 104 6.30 -5.21 -6.48
N ASN A 105 6.18 -5.11 -5.17
CA ASN A 105 5.33 -6.09 -4.49
C ASN A 105 3.88 -5.76 -4.67
N LEU A 106 3.54 -4.47 -4.62
CA LEU A 106 2.14 -4.08 -4.81
C LEU A 106 1.72 -4.08 -6.27
N ASP A 107 2.56 -3.58 -7.20
CA ASP A 107 2.16 -3.62 -8.62
C ASP A 107 2.06 -5.02 -9.23
N SER A 108 2.94 -5.93 -8.84
CA SER A 108 2.84 -7.32 -9.31
C SER A 108 1.51 -7.96 -8.90
N LEU A 109 1.09 -7.72 -7.67
CA LEU A 109 -0.23 -8.20 -7.22
C LEU A 109 -1.36 -7.50 -7.94
N LEU A 110 -1.34 -6.16 -8.00
CA LEU A 110 -2.37 -5.36 -8.68
C LEU A 110 -2.53 -5.74 -10.17
N SER A 111 -1.39 -5.92 -10.84
CA SER A 111 -1.40 -6.39 -12.22
C SER A 111 -2.06 -7.75 -12.38
N LEU A 112 -1.64 -8.72 -11.57
CA LEU A 112 -2.27 -10.06 -11.57
C LEU A 112 -3.78 -9.98 -11.34
N LEU A 113 -4.18 -9.28 -10.28
CA LEU A 113 -5.60 -9.14 -9.97
C LEU A 113 -6.40 -8.56 -11.14
N ARG A 114 -5.85 -7.56 -11.83
CA ARG A 114 -6.62 -7.01 -12.96
C ARG A 114 -6.74 -7.93 -14.15
N VAL A 115 -5.63 -8.58 -14.52
CA VAL A 115 -5.65 -9.53 -15.61
C VAL A 115 -6.58 -10.71 -15.29
N MET A 116 -6.49 -11.23 -14.06
CA MET A 116 -7.41 -12.29 -13.62
C MET A 116 -8.87 -11.84 -13.73
N ARG A 117 -9.18 -10.64 -13.25
CA ARG A 117 -10.56 -10.08 -13.30
C ARG A 117 -11.03 -10.01 -14.75
N GLU A 118 -10.17 -9.49 -15.64
CA GLU A 118 -10.50 -9.36 -17.05
C GLU A 118 -10.74 -10.72 -17.72
N ARG A 119 -10.04 -11.75 -17.23
CA ARG A 119 -10.11 -13.07 -17.85
C ARG A 119 -11.06 -14.03 -17.13
N ALA A 120 -11.83 -13.50 -16.17
CA ALA A 120 -12.75 -14.25 -15.29
C ALA A 120 -12.14 -15.46 -14.58
N VAL A 121 -10.91 -15.29 -14.12
CA VAL A 121 -10.25 -16.28 -13.26
C VAL A 121 -10.28 -15.67 -11.85
N LYS A 122 -10.88 -16.37 -10.90
CA LYS A 122 -11.20 -15.77 -9.60
C LYS A 122 -10.70 -16.56 -8.39
N ARG A 123 -9.73 -17.44 -8.61
CA ARG A 123 -9.19 -18.29 -7.54
C ARG A 123 -7.71 -17.88 -7.36
N ILE A 124 -7.36 -17.40 -6.17
CA ILE A 124 -5.98 -17.00 -5.93
C ILE A 124 -5.46 -17.42 -4.56
N VAL A 125 -4.22 -17.91 -4.53
CA VAL A 125 -3.55 -18.21 -3.29
C VAL A 125 -2.40 -17.19 -3.18
N PHE A 126 -2.31 -16.50 -2.04
CA PHE A 126 -1.35 -15.42 -1.84
C PHE A 126 -0.38 -15.74 -0.74
N SER A 127 0.91 -15.57 -1.04
CA SER A 127 2.00 -15.74 -0.10
C SER A 127 2.09 -14.58 0.89
N SER A 128 1.53 -14.75 2.10
CA SER A 128 1.74 -13.73 3.12
C SER A 128 2.78 -14.24 4.11
N SER A 129 2.92 -13.56 5.25
CA SER A 129 4.06 -13.77 6.12
C SER A 129 3.69 -13.49 7.58
N ALA A 130 4.37 -14.17 8.52
CA ALA A 130 4.23 -13.87 9.97
C ALA A 130 4.71 -12.47 10.33
N THR A 131 5.42 -11.85 9.38
CA THR A 131 5.79 -10.42 9.53
C THR A 131 4.56 -9.53 9.71
N VAL A 132 3.37 -9.95 9.24
CA VAL A 132 2.14 -9.14 9.42
C VAL A 132 1.68 -9.02 10.89
N TYR A 133 2.28 -9.83 11.75
CA TYR A 133 1.95 -9.83 13.18
C TYR A 133 2.85 -8.87 13.95
N GLY A 134 3.75 -8.16 13.25
CA GLY A 134 4.67 -7.23 13.92
C GLY A 134 5.41 -7.78 15.12
N VAL A 135 5.46 -7.02 16.21
CA VAL A 135 6.04 -7.52 17.46
C VAL A 135 4.94 -8.30 18.17
N PRO A 136 5.01 -9.64 18.22
CA PRO A 136 3.90 -10.37 18.80
C PRO A 136 3.89 -10.15 20.31
N GLU A 137 2.72 -10.02 20.89
CA GLU A 137 2.61 -9.92 22.34
C GLU A 137 3.13 -11.20 22.95
N ARG A 138 2.73 -12.31 22.35
CA ARG A 138 3.08 -13.63 22.83
C ARG A 138 3.04 -14.61 21.66
N SER A 139 3.69 -15.77 21.82
CA SER A 139 3.50 -16.91 20.94
C SER A 139 2.92 -18.05 21.78
N PRO A 140 2.13 -18.96 21.16
CA PRO A 140 1.84 -19.04 19.72
C PRO A 140 0.86 -17.97 19.22
N ILE A 141 1.13 -17.52 18.00
CA ILE A 141 0.33 -16.53 17.29
C ILE A 141 -0.81 -17.15 16.50
N ASP A 142 -2.03 -16.74 16.78
CA ASP A 142 -3.13 -17.15 15.91
C ASP A 142 -3.57 -16.01 14.98
N GLU A 143 -4.38 -16.36 14.00
CA GLU A 143 -4.73 -15.45 12.89
C GLU A 143 -5.43 -14.16 13.34
N THR A 144 -6.15 -14.23 14.45
CA THR A 144 -6.89 -13.07 14.96
C THR A 144 -6.03 -12.11 15.77
N PHE A 145 -4.73 -12.37 15.90
CA PHE A 145 -3.78 -11.41 16.50
C PHE A 145 -3.84 -10.08 15.70
N PRO A 146 -3.55 -8.96 16.37
CA PRO A 146 -3.52 -7.63 15.74
C PRO A 146 -2.44 -7.57 14.66
N LEU A 147 -2.75 -6.95 13.53
CA LEU A 147 -1.76 -6.84 12.44
C LEU A 147 -1.03 -5.50 12.42
N SER A 148 0.29 -5.59 12.33
CA SER A 148 1.18 -4.44 12.15
C SER A 148 2.49 -4.95 11.51
N ALA A 149 3.35 -4.04 11.07
CA ALA A 149 4.64 -4.44 10.54
C ALA A 149 5.71 -3.48 10.97
N THR A 150 6.95 -3.95 11.00
CA THR A 150 8.08 -3.13 11.47
C THR A 150 9.08 -2.81 10.37
N ASN A 151 8.77 -3.17 9.13
CA ASN A 151 9.67 -2.91 8.01
C ASN A 151 8.87 -2.89 6.69
N PRO A 152 9.36 -2.18 5.65
CA PRO A 152 8.57 -2.03 4.42
C PRO A 152 8.15 -3.33 3.75
N TYR A 153 9.02 -4.33 3.78
CA TYR A 153 8.65 -5.64 3.29
C TYR A 153 7.37 -6.15 4.02
N GLY A 154 7.35 -6.08 5.35
CA GLY A 154 6.13 -6.46 6.12
C GLY A 154 4.91 -5.64 5.71
N GLN A 155 5.13 -4.35 5.47
CA GLN A 155 4.07 -3.44 5.01
C GLN A 155 3.48 -3.86 3.67
N THR A 156 4.32 -4.30 2.74
CA THR A 156 3.81 -4.76 1.43
C THR A 156 2.91 -5.95 1.64
N LYS A 157 3.20 -6.80 2.64
CA LYS A 157 2.33 -7.97 2.89
C LYS A 157 0.99 -7.57 3.55
N LEU A 158 1.06 -6.69 4.56
CA LEU A 158 -0.16 -6.12 5.16
C LEU A 158 -1.03 -5.40 4.13
N MET A 159 -0.42 -4.57 3.29
CA MET A 159 -1.16 -3.89 2.24
C MET A 159 -1.73 -4.81 1.20
N ALA A 160 -0.97 -5.86 0.81
CA ALA A 160 -1.52 -6.89 -0.08
C ALA A 160 -2.80 -7.54 0.49
N GLU A 161 -2.76 -7.91 1.77
CA GLU A 161 -3.91 -8.56 2.38
C GLU A 161 -5.12 -7.61 2.37
N GLN A 162 -4.88 -6.33 2.65
CA GLN A 162 -5.95 -5.29 2.58
C GLN A 162 -6.52 -5.14 1.15
N ILE A 163 -5.65 -5.04 0.15
CA ILE A 163 -6.07 -5.03 -1.25
C ILE A 163 -6.95 -6.22 -1.62
N LEU A 164 -6.52 -7.43 -1.20
CA LEU A 164 -7.26 -8.63 -1.52
C LEU A 164 -8.67 -8.61 -0.91
N ARG A 165 -8.76 -8.15 0.33
CA ARG A 165 -10.06 -8.02 1.00
C ARG A 165 -10.98 -7.06 0.25
N ASP A 166 -10.43 -5.95 -0.20
CA ASP A 166 -11.23 -4.94 -0.91
C ASP A 166 -11.65 -5.42 -2.30
N VAL A 167 -10.78 -6.12 -3.00
CA VAL A 167 -11.13 -6.72 -4.30
C VAL A 167 -12.34 -7.67 -4.19
N GLU A 168 -12.34 -8.51 -3.16
CA GLU A 168 -13.47 -9.43 -2.91
C GLU A 168 -14.72 -8.66 -2.42
N ALA A 169 -14.50 -7.58 -1.68
CA ALA A 169 -15.62 -6.72 -1.26
C ALA A 169 -16.33 -6.12 -2.49
N ALA A 170 -15.57 -5.78 -3.53
CA ALA A 170 -16.13 -5.24 -4.77
C ALA A 170 -16.74 -6.31 -5.68
N ASP A 171 -16.17 -7.51 -5.67
CA ASP A 171 -16.61 -8.62 -6.51
C ASP A 171 -16.59 -9.86 -5.64
N PRO A 172 -17.72 -10.20 -5.04
CA PRO A 172 -17.83 -11.33 -4.12
C PRO A 172 -17.58 -12.71 -4.75
N SER A 173 -17.37 -12.75 -6.07
CA SER A 173 -17.02 -14.02 -6.70
C SER A 173 -15.55 -14.44 -6.41
N TRP A 174 -14.72 -13.47 -6.03
CA TRP A 174 -13.35 -13.80 -5.64
C TRP A 174 -13.21 -14.85 -4.53
N ARG A 175 -12.28 -15.78 -4.71
CA ARG A 175 -11.92 -16.77 -3.69
C ARG A 175 -10.42 -16.70 -3.45
N VAL A 176 -10.06 -16.22 -2.28
CA VAL A 176 -8.67 -15.94 -1.90
C VAL A 176 -8.23 -16.78 -0.71
N ALA A 177 -7.17 -17.55 -0.89
CA ALA A 177 -6.54 -18.20 0.24
C ALA A 177 -5.28 -17.40 0.61
N THR A 178 -5.27 -16.74 1.75
CA THR A 178 -4.02 -16.13 2.16
C THR A 178 -3.30 -16.94 3.22
N LEU A 179 -2.03 -17.22 2.93
CA LEU A 179 -1.29 -18.18 3.72
C LEU A 179 -0.14 -17.43 4.30
N ARG A 180 -0.09 -17.38 5.63
CA ARG A 180 0.97 -16.66 6.30
C ARG A 180 2.03 -17.66 6.72
N TYR A 181 3.09 -17.77 5.91
CA TYR A 181 4.19 -18.68 6.19
C TYR A 181 4.99 -18.16 7.37
N PHE A 182 5.52 -19.08 8.17
CA PHE A 182 6.48 -18.68 9.21
C PHE A 182 7.90 -18.68 8.67
N ASN A 183 8.74 -19.68 9.02
CA ASN A 183 10.12 -19.66 8.54
C ASN A 183 10.45 -20.92 7.73
N PRO A 184 10.17 -20.90 6.41
CA PRO A 184 10.46 -22.08 5.59
C PRO A 184 11.95 -22.37 5.49
N VAL A 185 12.28 -23.65 5.61
CA VAL A 185 13.64 -24.19 5.49
C VAL A 185 13.54 -25.58 4.85
N GLY A 186 14.70 -26.17 4.55
CA GLY A 186 14.69 -27.49 3.93
C GLY A 186 14.66 -27.47 2.41
N ALA A 187 14.41 -28.64 1.82
CA ALA A 187 14.44 -28.79 0.38
C ALA A 187 13.81 -30.11 0.00
N HIS A 188 13.37 -30.19 -1.25
CA HIS A 188 12.84 -31.45 -1.77
C HIS A 188 13.84 -32.58 -1.47
N GLU A 189 13.32 -33.72 -1.03
CA GLU A 189 14.15 -34.85 -0.57
C GLU A 189 15.12 -35.41 -1.61
N SER A 190 14.85 -35.19 -2.89
CA SER A 190 15.75 -35.57 -3.97
C SER A 190 17.11 -34.87 -3.87
N GLY A 191 17.09 -33.66 -3.32
CA GLY A 191 18.28 -32.83 -3.27
C GLY A 191 18.47 -31.97 -4.53
N LEU A 192 17.54 -32.04 -5.48
CA LEU A 192 17.72 -31.40 -6.79
C LEU A 192 17.31 -29.93 -6.83
N ILE A 193 16.49 -29.52 -5.86
CA ILE A 193 16.13 -28.12 -5.70
C ILE A 193 16.28 -27.74 -4.24
N GLY A 194 16.32 -26.44 -3.97
CA GLY A 194 16.44 -25.92 -2.61
C GLY A 194 16.49 -24.41 -2.68
N GLU A 195 16.85 -23.75 -1.58
CA GLU A 195 17.04 -22.33 -1.64
C GLU A 195 18.46 -21.98 -2.10
N ASP A 196 18.54 -21.09 -3.09
CA ASP A 196 19.80 -20.65 -3.61
C ASP A 196 19.90 -19.12 -3.46
N PRO A 197 20.44 -18.65 -2.32
CA PRO A 197 20.53 -17.20 -2.14
C PRO A 197 21.59 -16.61 -3.07
N ALA A 198 21.36 -15.38 -3.54
CA ALA A 198 22.38 -14.60 -4.25
C ALA A 198 23.25 -13.92 -3.19
N GLY A 199 24.54 -14.18 -3.21
CA GLY A 199 25.43 -13.47 -2.31
C GLY A 199 25.41 -14.04 -0.92
N ILE A 200 25.69 -13.19 0.06
CA ILE A 200 25.68 -13.62 1.45
C ILE A 200 24.21 -13.72 1.91
N PRO A 201 23.80 -14.89 2.44
CA PRO A 201 22.41 -15.10 2.85
C PRO A 201 22.01 -14.21 3.97
N ASN A 202 20.76 -13.72 3.92
CA ASN A 202 20.23 -12.94 5.02
C ASN A 202 19.66 -13.83 6.11
N ASN A 203 19.22 -15.02 5.71
CA ASN A 203 18.47 -15.95 6.57
CA ASN A 203 18.50 -15.88 6.66
C ASN A 203 19.35 -17.01 7.25
N LEU A 204 18.85 -17.60 8.32
CA LEU A 204 19.61 -18.54 9.16
C LEU A 204 20.03 -19.82 8.45
N MET A 205 19.08 -20.64 7.97
CA MET A 205 19.46 -21.97 7.48
CA MET A 205 19.43 -21.97 7.44
C MET A 205 20.42 -21.93 6.28
N PRO A 206 20.18 -21.04 5.27
CA PRO A 206 21.19 -20.97 4.21
C PRO A 206 22.59 -20.56 4.72
N TYR A 207 22.67 -19.64 5.68
CA TYR A 207 23.98 -19.26 6.22
C TYR A 207 24.66 -20.45 6.91
N VAL A 208 23.91 -21.13 7.77
CA VAL A 208 24.38 -22.36 8.44
C VAL A 208 24.89 -23.38 7.43
N ALA A 209 24.08 -23.61 6.39
CA ALA A 209 24.44 -24.59 5.37
C ALA A 209 25.70 -24.21 4.61
N GLN A 210 25.87 -22.91 4.33
CA GLN A 210 27.08 -22.46 3.64
C GLN A 210 28.31 -22.53 4.56
N VAL A 211 28.10 -22.31 5.86
CA VAL A 211 29.19 -22.56 6.82
C VAL A 211 29.56 -24.05 6.78
N ALA A 212 28.56 -24.92 6.86
CA ALA A 212 28.77 -26.39 6.83
C ALA A 212 29.48 -26.93 5.58
N VAL A 213 29.18 -26.37 4.40
CA VAL A 213 29.80 -26.85 3.17
C VAL A 213 31.19 -26.21 2.90
N GLY A 214 31.54 -25.17 3.66
CA GLY A 214 32.82 -24.48 3.52
C GLY A 214 32.82 -23.17 2.73
N LYS A 215 31.65 -22.73 2.30
CA LYS A 215 31.53 -21.49 1.51
C LYS A 215 31.65 -20.25 2.38
N LEU A 216 31.22 -20.34 3.63
CA LEU A 216 31.43 -19.25 4.59
C LEU A 216 32.20 -19.78 5.81
N GLU A 217 32.94 -18.89 6.46
CA GLU A 217 33.85 -19.29 7.54
C GLU A 217 33.15 -19.46 8.88
N LYS A 218 32.27 -18.53 9.21
CA LYS A 218 31.72 -18.49 10.55
C LYS A 218 30.31 -17.92 10.57
N LEU A 219 29.41 -18.62 11.23
CA LEU A 219 28.06 -18.09 11.47
C LEU A 219 28.14 -17.03 12.55
N ARG A 220 27.43 -15.92 12.36
CA ARG A 220 27.17 -14.96 13.44
C ARG A 220 25.78 -15.14 14.02
N VAL A 221 25.71 -15.32 15.34
CA VAL A 221 24.43 -15.44 16.04
C VAL A 221 24.02 -14.03 16.53
N PHE A 222 22.86 -13.55 16.06
CA PHE A 222 22.40 -12.16 16.30
C PHE A 222 21.64 -12.04 17.60
N GLY A 223 22.39 -11.73 18.66
CA GLY A 223 21.81 -11.45 19.96
C GLY A 223 21.85 -12.69 20.80
N SER A 224 22.39 -12.58 22.01
CA SER A 224 22.43 -13.70 22.95
C SER A 224 21.85 -13.34 24.31
N ASP A 225 21.08 -12.25 24.37
CA ASP A 225 20.47 -11.78 25.63
C ASP A 225 18.96 -11.62 25.57
N TYR A 226 18.31 -12.29 24.62
CA TYR A 226 16.84 -12.24 24.53
C TYR A 226 16.20 -13.00 25.69
N PRO A 227 14.93 -12.66 26.05
CA PRO A 227 14.14 -13.38 27.06
C PRO A 227 13.68 -14.76 26.59
N THR A 228 14.65 -15.62 26.25
CA THR A 228 14.41 -16.98 25.80
C THR A 228 15.43 -17.86 26.54
N PRO A 229 15.16 -19.19 26.65
CA PRO A 229 16.01 -20.06 27.48
C PRO A 229 17.51 -19.94 27.25
N ASP A 230 17.96 -19.80 26.00
CA ASP A 230 19.39 -19.62 25.74
C ASP A 230 19.72 -18.21 25.25
N GLY A 231 18.75 -17.31 25.33
CA GLY A 231 19.00 -15.91 24.98
C GLY A 231 19.02 -15.62 23.48
N THR A 232 18.83 -16.65 22.65
CA THR A 232 18.86 -16.41 21.20
C THR A 232 17.45 -16.47 20.62
N GLY A 233 17.26 -15.95 19.41
CA GLY A 233 15.90 -15.84 18.86
C GLY A 233 15.25 -17.18 18.63
N VAL A 234 13.94 -17.23 18.78
CA VAL A 234 13.17 -18.43 18.62
C VAL A 234 12.20 -18.23 17.47
N ARG A 235 12.19 -19.20 16.52
CA ARG A 235 11.34 -19.15 15.33
C ARG A 235 10.69 -20.48 15.05
N ASP A 236 9.60 -20.42 14.31
CA ASP A 236 8.89 -21.61 13.87
C ASP A 236 9.39 -21.96 12.47
N TYR A 237 10.36 -22.87 12.40
CA TYR A 237 10.90 -23.38 11.16
C TYR A 237 9.98 -24.42 10.59
N ILE A 238 9.64 -24.29 9.31
CA ILE A 238 8.69 -25.20 8.68
C ILE A 238 9.28 -25.72 7.38
N HIS A 239 9.17 -27.03 7.17
CA HIS A 239 9.76 -27.64 6.00
C HIS A 239 9.08 -27.11 4.75
N VAL A 240 9.86 -26.72 3.75
CA VAL A 240 9.30 -26.12 2.54
C VAL A 240 8.39 -27.11 1.76
N VAL A 241 8.64 -28.42 1.88
CA VAL A 241 7.74 -29.41 1.26
C VAL A 241 6.39 -29.46 1.96
N ASP A 242 6.40 -29.35 3.30
CA ASP A 242 5.17 -29.19 4.05
C ASP A 242 4.42 -27.92 3.62
N LEU A 243 5.16 -26.83 3.43
CA LEU A 243 4.57 -25.60 2.96
C LEU A 243 3.96 -25.78 1.55
N ALA A 244 4.70 -26.39 0.64
CA ALA A 244 4.18 -26.66 -0.73
C ALA A 244 2.87 -27.50 -0.73
N ARG A 245 2.81 -28.52 0.12
CA ARG A 245 1.57 -29.34 0.24
C ARG A 245 0.40 -28.50 0.75
N GLY A 246 0.70 -27.58 1.66
CA GLY A 246 -0.27 -26.61 2.15
C GLY A 246 -1.02 -25.88 1.05
N HIS A 247 -0.33 -25.63 -0.07
CA HIS A 247 -0.92 -24.93 -1.19
C HIS A 247 -1.92 -25.80 -1.94
N ILE A 248 -1.63 -27.08 -2.07
CA ILE A 248 -2.66 -27.98 -2.64
C ILE A 248 -3.87 -28.05 -1.70
N ALA A 249 -3.61 -28.11 -0.40
CA ALA A 249 -4.67 -28.13 0.60
C ALA A 249 -5.50 -26.86 0.53
N ALA A 250 -4.84 -25.72 0.34
CA ALA A 250 -5.52 -24.42 0.22
C ALA A 250 -6.48 -24.36 -0.98
N LEU A 251 -6.01 -24.79 -2.16
CA LEU A 251 -6.81 -24.81 -3.38
C LEU A 251 -8.04 -25.72 -3.26
N ASP A 252 -7.84 -26.91 -2.69
CA ASP A 252 -8.94 -27.86 -2.40
C ASP A 252 -9.95 -27.27 -1.41
N ALA A 253 -9.46 -26.59 -0.38
CA ALA A 253 -10.30 -25.93 0.61
C ALA A 253 -11.15 -24.79 0.06
N LEU A 254 -10.59 -23.98 -0.84
CA LEU A 254 -11.38 -22.96 -1.55
C LEU A 254 -12.52 -23.59 -2.32
N GLU A 255 -12.22 -24.71 -2.99
CA GLU A 255 -13.22 -25.43 -3.77
C GLU A 255 -14.35 -25.92 -2.86
N ARG A 256 -13.97 -26.75 -1.90
CA ARG A 256 -14.90 -27.40 -1.00
C ARG A 256 -15.69 -26.39 -0.15
N ARG A 257 -15.04 -25.34 0.31
CA ARG A 257 -15.69 -24.36 1.17
C ARG A 257 -16.50 -23.30 0.43
N ASP A 258 -16.28 -23.15 -0.87
CA ASP A 258 -16.81 -22.02 -1.65
C ASP A 258 -16.67 -20.69 -0.89
N ALA A 259 -15.47 -20.47 -0.32
CA ALA A 259 -15.22 -19.29 0.50
C ALA A 259 -13.72 -19.11 0.75
N SER A 260 -13.33 -17.84 0.85
CA SER A 260 -11.96 -17.43 1.12
C SER A 260 -11.52 -17.87 2.51
N LEU A 261 -10.21 -17.93 2.72
CA LEU A 261 -9.65 -18.33 3.99
C LEU A 261 -8.29 -17.63 4.23
N THR A 262 -7.93 -17.49 5.51
CA THR A 262 -6.65 -16.93 5.89
C THR A 262 -6.16 -17.79 7.02
N VAL A 263 -4.96 -18.34 6.85
CA VAL A 263 -4.49 -19.38 7.74
C VAL A 263 -2.95 -19.31 7.85
N ASN A 264 -2.43 -19.52 9.07
CA ASN A 264 -0.99 -19.63 9.33
C ASN A 264 -0.46 -20.92 8.74
N LEU A 265 0.73 -20.88 8.17
CA LEU A 265 1.45 -22.12 7.81
C LEU A 265 2.72 -22.22 8.66
N GLY A 266 2.66 -23.06 9.69
CA GLY A 266 3.81 -23.22 10.55
C GLY A 266 3.65 -24.54 11.29
N THR A 267 4.61 -24.86 12.14
CA THR A 267 4.61 -26.14 12.90
C THR A 267 3.98 -25.98 14.28
N GLY A 268 4.11 -24.80 14.86
CA GLY A 268 3.70 -24.58 16.25
C GLY A 268 4.84 -24.78 17.24
N ARG A 269 5.99 -25.21 16.74
CA ARG A 269 7.15 -25.42 17.57
C ARG A 269 8.24 -24.44 17.21
N GLY A 270 8.67 -23.67 18.20
CA GLY A 270 9.79 -22.74 18.05
C GLY A 270 11.13 -23.32 18.46
N TYR A 271 12.14 -23.05 17.65
CA TYR A 271 13.50 -23.45 17.96
C TYR A 271 14.37 -22.23 18.02
N SER A 272 15.31 -22.25 18.96
CA SER A 272 16.25 -21.17 19.09
C SER A 272 17.33 -21.31 18.03
N VAL A 273 18.07 -20.24 17.79
CA VAL A 273 19.20 -20.27 16.83
C VAL A 273 20.20 -21.39 17.18
N LEU A 274 20.48 -21.53 18.48
CA LEU A 274 21.49 -22.48 18.94
C LEU A 274 21.02 -23.93 18.76
N GLU A 275 19.73 -24.15 18.92
CA GLU A 275 19.09 -25.45 18.72
C GLU A 275 19.14 -25.84 17.26
N VAL A 276 18.92 -24.87 16.37
CA VAL A 276 19.02 -25.08 14.93
C VAL A 276 20.45 -25.50 14.54
N VAL A 277 21.46 -24.79 15.05
CA VAL A 277 22.86 -25.07 14.71
C VAL A 277 23.25 -26.47 15.15
N ARG A 278 22.85 -26.82 16.36
CA ARG A 278 23.19 -28.15 16.91
C ARG A 278 22.52 -29.24 16.07
N ALA A 279 21.27 -28.99 15.68
CA ALA A 279 20.54 -29.94 14.83
C ALA A 279 21.19 -30.11 13.48
N PHE A 280 21.60 -29.00 12.88
CA PHE A 280 22.25 -29.05 11.58
C PHE A 280 23.59 -29.80 11.64
N GLU A 281 24.38 -29.57 12.69
CA GLU A 281 25.67 -30.27 12.81
C GLU A 281 25.45 -31.77 12.90
N LYS A 282 24.45 -32.18 13.67
CA LYS A 282 24.09 -33.58 13.87
C LYS A 282 23.63 -34.22 12.56
N ALA A 283 22.76 -33.52 11.82
CA ALA A 283 22.23 -34.06 10.54
C ALA A 283 23.28 -34.05 9.44
N SER A 284 24.19 -33.09 9.48
CA SER A 284 25.18 -32.92 8.40
C SER A 284 26.51 -33.60 8.67
N GLY A 285 26.84 -33.78 9.95
CA GLY A 285 28.15 -34.29 10.38
C GLY A 285 29.27 -33.30 10.14
N ARG A 286 28.90 -32.06 9.83
CA ARG A 286 29.90 -31.00 9.60
C ARG A 286 29.84 -30.03 10.76
N ALA A 287 30.96 -29.37 11.03
CA ALA A 287 30.98 -28.38 12.10
C ALA A 287 30.36 -27.07 11.59
N VAL A 288 29.61 -26.39 12.45
CA VAL A 288 29.15 -25.03 12.13
C VAL A 288 29.68 -24.07 13.22
N PRO A 289 30.92 -23.61 13.06
CA PRO A 289 31.44 -22.68 14.06
C PRO A 289 30.69 -21.36 14.02
N TYR A 290 30.45 -20.78 15.21
CA TYR A 290 29.75 -19.50 15.27
C TYR A 290 30.29 -18.59 16.37
N GLU A 291 29.85 -17.34 16.30
CA GLU A 291 30.11 -16.37 17.36
C GLU A 291 28.84 -15.64 17.70
N LEU A 292 28.71 -15.34 18.99
CA LEU A 292 27.57 -14.63 19.51
C LEU A 292 27.89 -13.16 19.34
N VAL A 293 27.09 -12.48 18.53
CA VAL A 293 27.28 -11.05 18.34
C VAL A 293 26.04 -10.25 18.76
N ALA A 294 25.95 -8.99 18.36
CA ALA A 294 24.84 -8.15 18.84
C ALA A 294 23.51 -8.45 18.13
N ARG A 295 22.39 -8.14 18.80
CA ARG A 295 21.08 -8.25 18.18
C ARG A 295 21.07 -7.56 16.81
N ARG A 296 20.30 -8.11 15.88
CA ARG A 296 20.07 -7.45 14.61
C ARG A 296 18.84 -6.54 14.78
N PRO A 297 18.96 -5.24 14.43
CA PRO A 297 17.82 -4.36 14.73
C PRO A 297 16.54 -4.87 14.03
N GLY A 298 15.39 -4.74 14.67
CA GLY A 298 14.14 -5.23 14.08
C GLY A 298 13.78 -6.67 14.44
N ASP A 299 14.74 -7.47 14.93
CA ASP A 299 14.42 -8.86 15.33
C ASP A 299 13.55 -8.95 16.58
N VAL A 300 12.55 -9.82 16.53
CA VAL A 300 11.81 -10.21 17.75
C VAL A 300 12.52 -11.34 18.49
N ALA A 301 12.30 -11.42 19.81
CA ALA A 301 12.84 -12.50 20.61
C ALA A 301 12.31 -13.82 20.11
N GLU A 302 11.01 -13.85 19.90
CA GLU A 302 10.29 -15.08 19.74
C GLU A 302 9.10 -14.90 18.83
N CYS A 303 8.86 -15.93 18.01
CA CYS A 303 7.75 -15.94 17.10
C CYS A 303 7.48 -17.38 16.64
N TYR A 304 6.32 -17.91 16.97
CA TYR A 304 5.87 -19.17 16.38
C TYR A 304 4.35 -19.25 16.29
N ALA A 305 3.88 -20.12 15.42
CA ALA A 305 2.49 -20.19 15.02
C ALA A 305 1.62 -21.01 15.95
N ASN A 306 0.35 -20.65 15.97
CA ASN A 306 -0.72 -21.57 16.34
C ASN A 306 -1.27 -22.23 15.07
N PRO A 307 -0.96 -23.53 14.83
CA PRO A 307 -1.33 -24.22 13.59
C PRO A 307 -2.77 -24.76 13.54
N ALA A 308 -3.52 -24.53 14.62
CA ALA A 308 -4.88 -25.06 14.78
C ALA A 308 -5.82 -24.72 13.61
N ALA A 309 -5.90 -23.43 13.25
CA ALA A 309 -6.79 -23.00 12.16
C ALA A 309 -6.54 -23.72 10.86
N ALA A 310 -5.27 -23.89 10.49
CA ALA A 310 -4.94 -24.58 9.24
C ALA A 310 -5.35 -26.06 9.29
N ALA A 311 -5.20 -26.68 10.45
CA ALA A 311 -5.64 -28.07 10.62
C ALA A 311 -7.14 -28.17 10.40
N GLU A 312 -7.91 -27.27 11.01
CA GLU A 312 -9.37 -27.34 10.86
C GLU A 312 -9.85 -26.87 9.51
N THR A 313 -9.29 -25.76 9.02
CA THR A 313 -9.81 -25.12 7.81
C THR A 313 -9.41 -25.81 6.52
N ILE A 314 -8.13 -26.17 6.39
CA ILE A 314 -7.63 -26.78 5.16
C ILE A 314 -7.13 -28.21 5.32
N GLY A 315 -7.26 -28.75 6.53
CA GLY A 315 -6.93 -30.15 6.81
C GLY A 315 -5.44 -30.45 6.72
N TRP A 316 -4.62 -29.46 7.05
CA TRP A 316 -3.19 -29.54 6.83
C TRP A 316 -2.43 -29.41 8.14
N LYS A 317 -1.35 -30.19 8.26
CA LYS A 317 -0.40 -30.11 9.39
C LYS A 317 1.01 -30.34 8.89
N ALA A 318 1.99 -29.68 9.50
CA ALA A 318 3.42 -29.98 9.26
C ALA A 318 3.76 -31.42 9.61
N GLU A 319 4.48 -32.12 8.75
CA GLU A 319 4.86 -33.51 9.01
C GLU A 319 6.34 -33.65 9.39
N ARG A 320 7.19 -32.84 8.77
CA ARG A 320 8.63 -33.05 8.85
C ARG A 320 9.26 -32.30 10.02
N ASP A 321 10.08 -32.96 10.81
CA ASP A 321 10.65 -32.33 12.01
C ASP A 321 11.94 -31.58 11.71
N LEU A 322 12.49 -30.90 12.71
CA LEU A 322 13.70 -30.10 12.54
C LEU A 322 14.87 -30.90 11.98
N GLU A 323 15.02 -32.15 12.46
CA GLU A 323 16.09 -33.01 11.97
C GLU A 323 15.98 -33.19 10.44
N ARG A 324 14.75 -33.43 9.97
CA ARG A 324 14.50 -33.62 8.56
C ARG A 324 14.72 -32.32 7.76
N MET A 325 14.26 -31.20 8.31
CA MET A 325 14.53 -29.90 7.68
C MET A 325 16.05 -29.74 7.44
N CYS A 326 16.85 -30.01 8.47
CA CYS A 326 18.29 -29.86 8.39
C CYS A 326 18.89 -30.86 7.43
N ALA A 327 18.51 -32.12 7.59
CA ALA A 327 19.00 -33.16 6.67
C ALA A 327 18.72 -32.84 5.20
N ASP A 328 17.49 -32.38 4.89
CA ASP A 328 17.11 -32.13 3.49
C ASP A 328 17.74 -30.87 2.92
N HIS A 329 17.85 -29.83 3.75
CA HIS A 329 18.55 -28.59 3.36
C HIS A 329 20.04 -28.91 3.08
N TRP A 330 20.63 -29.69 3.98
CA TRP A 330 22.02 -30.15 3.82
C TRP A 330 22.26 -30.98 2.55
N ARG A 331 21.35 -31.89 2.22
CA ARG A 331 21.52 -32.68 0.99
C ARG A 331 21.59 -31.80 -0.26
N TRP A 332 20.68 -30.82 -0.34
CA TRP A 332 20.70 -29.82 -1.40
C TRP A 332 22.03 -29.02 -1.45
N GLN A 333 22.49 -28.58 -0.29
CA GLN A 333 23.71 -27.77 -0.25
C GLN A 333 24.96 -28.59 -0.64
N GLU A 334 25.10 -29.79 -0.09
CA GLU A 334 26.27 -30.61 -0.34
C GLU A 334 26.34 -31.01 -1.82
N ASN A 335 25.22 -31.50 -2.34
CA ASN A 335 25.10 -31.93 -3.74
C ASN A 335 25.06 -30.81 -4.78
N ASN A 336 24.83 -29.58 -4.31
CA ASN A 336 24.88 -28.37 -5.14
C ASN A 336 25.68 -27.26 -4.41
N PRO A 337 27.00 -27.47 -4.23
CA PRO A 337 27.79 -26.56 -3.40
C PRO A 337 27.74 -25.10 -3.85
N ARG A 338 27.58 -24.86 -5.15
CA ARG A 338 27.54 -23.51 -5.66
C ARG A 338 26.12 -23.14 -6.09
N GLY A 339 25.13 -23.90 -5.64
CA GLY A 339 23.73 -23.71 -6.05
C GLY A 339 23.44 -24.22 -7.45
N PHE A 340 22.46 -23.62 -8.12
CA PHE A 340 22.12 -24.06 -9.45
C PHE A 340 23.23 -23.73 -10.45
N VAL A 341 23.47 -24.70 -11.35
CA VAL A 341 24.57 -24.72 -12.33
C VAL A 341 25.73 -23.77 -11.98
N MET B 2 14.58 32.52 -12.51
CA MET B 2 14.14 31.64 -11.37
C MET B 2 13.51 32.45 -10.23
N SER B 3 12.59 31.81 -9.51
CA SER B 3 12.17 32.27 -8.21
C SER B 3 13.27 31.98 -7.21
N THR B 4 13.48 32.90 -6.26
CA THR B 4 14.46 32.72 -5.20
C THR B 4 13.86 31.85 -4.12
N LYS B 5 12.54 31.76 -4.12
CA LYS B 5 11.77 31.05 -3.12
C LYS B 5 11.75 29.54 -3.34
N GLY B 6 11.65 29.13 -4.60
CA GLY B 6 11.52 27.71 -4.93
C GLY B 6 10.78 27.48 -6.24
N THR B 7 10.97 26.28 -6.80
CA THR B 7 10.25 25.84 -8.01
C THR B 7 9.48 24.59 -7.60
N ILE B 8 8.16 24.73 -7.46
CA ILE B 8 7.36 23.70 -6.82
C ILE B 8 6.66 22.86 -7.90
N LEU B 9 6.89 21.55 -7.90
CA LEU B 9 6.09 20.67 -8.75
C LEU B 9 4.76 20.41 -8.05
N VAL B 10 3.65 20.74 -8.73
CA VAL B 10 2.37 20.56 -8.10
C VAL B 10 1.67 19.47 -8.93
N THR B 11 1.65 18.25 -8.42
CA THR B 11 0.95 17.20 -9.17
C THR B 11 -0.54 17.38 -8.91
N GLY B 12 -1.38 17.07 -9.88
CA GLY B 12 -2.85 17.23 -9.69
C GLY B 12 -3.19 18.69 -9.61
N GLY B 13 -2.34 19.56 -10.17
CA GLY B 13 -2.51 21.02 -10.06
C GLY B 13 -3.59 21.71 -10.89
N ALA B 14 -4.26 20.95 -11.76
CA ALA B 14 -5.40 21.48 -12.48
C ALA B 14 -6.69 21.20 -11.73
N GLY B 15 -6.61 20.42 -10.65
CA GLY B 15 -7.75 20.05 -9.84
C GLY B 15 -8.16 21.13 -8.85
N TYR B 16 -9.15 20.83 -8.01
CA TYR B 16 -9.71 21.84 -7.14
C TYR B 16 -8.68 22.45 -6.17
N ILE B 17 -8.14 21.66 -5.25
CA ILE B 17 -7.23 22.20 -4.24
C ILE B 17 -5.88 22.58 -4.88
N GLY B 18 -5.43 21.78 -5.83
CA GLY B 18 -4.19 22.02 -6.54
C GLY B 18 -4.17 23.36 -7.26
N SER B 19 -5.24 23.68 -7.98
CA SER B 19 -5.33 24.97 -8.69
C SER B 19 -5.27 26.16 -7.71
N HIS B 20 -6.00 26.07 -6.59
CA HIS B 20 -5.98 27.12 -5.55
C HIS B 20 -4.61 27.26 -4.91
N THR B 21 -3.94 26.14 -4.72
CA THR B 21 -2.60 26.15 -4.15
C THR B 21 -1.58 26.71 -5.14
N ALA B 22 -1.71 26.35 -6.42
CA ALA B 22 -0.84 26.92 -7.48
C ALA B 22 -0.98 28.45 -7.52
N VAL B 23 -2.20 28.93 -7.38
CA VAL B 23 -2.48 30.36 -7.28
C VAL B 23 -1.73 30.97 -6.09
N GLU B 24 -1.86 30.40 -4.90
CA GLU B 24 -1.19 30.98 -3.71
C GLU B 24 0.32 30.92 -3.84
N LEU B 25 0.84 29.82 -4.41
CA LEU B 25 2.28 29.74 -4.67
C LEU B 25 2.78 30.84 -5.59
N LEU B 26 2.12 30.99 -6.72
CA LEU B 26 2.55 31.97 -7.72
C LEU B 26 2.51 33.40 -7.16
N ALA B 27 1.43 33.69 -6.45
CA ALA B 27 1.21 35.00 -5.80
C ALA B 27 2.27 35.35 -4.74
N HIS B 28 2.83 34.33 -4.10
CA HIS B 28 3.81 34.49 -3.03
C HIS B 28 5.23 34.36 -3.55
N GLY B 29 5.40 34.34 -4.87
CA GLY B 29 6.72 34.41 -5.50
C GLY B 29 7.44 33.11 -5.81
N TYR B 30 6.75 31.98 -5.68
CA TYR B 30 7.33 30.69 -6.09
C TYR B 30 7.12 30.46 -7.59
N ASP B 31 8.05 29.76 -8.24
CA ASP B 31 7.76 29.23 -9.57
C ASP B 31 7.00 27.92 -9.40
N VAL B 32 6.15 27.59 -10.37
CA VAL B 32 5.27 26.44 -10.27
C VAL B 32 5.27 25.63 -11.56
N VAL B 33 5.35 24.31 -11.41
CA VAL B 33 5.25 23.39 -12.54
C VAL B 33 4.09 22.49 -12.20
N ILE B 34 3.07 22.46 -13.04
CA ILE B 34 1.89 21.63 -12.77
C ILE B 34 1.91 20.39 -13.69
N ALA B 35 1.68 19.20 -13.12
CA ALA B 35 1.58 17.96 -13.91
C ALA B 35 0.22 17.41 -13.57
N ASP B 36 -0.62 17.23 -14.58
CA ASP B 36 -1.95 16.75 -14.32
C ASP B 36 -2.36 16.02 -15.60
N ASN B 37 -2.91 14.80 -15.47
CA ASN B 37 -3.38 14.08 -16.65
C ASN B 37 -4.83 14.45 -17.05
N LEU B 38 -5.43 15.36 -16.28
CA LEU B 38 -6.76 15.91 -16.61
C LEU B 38 -7.87 14.85 -16.56
N VAL B 39 -7.64 13.80 -15.77
CA VAL B 39 -8.65 12.77 -15.59
C VAL B 39 -9.87 13.30 -14.82
N ASN B 40 -9.69 14.35 -13.99
CA ASN B 40 -10.80 14.93 -13.24
C ASN B 40 -10.79 16.43 -13.26
N SER B 41 -10.25 17.01 -14.34
CA SER B 41 -10.16 18.45 -14.47
C SER B 41 -10.00 18.81 -15.94
N LYS B 42 -10.04 20.10 -16.22
CA LYS B 42 -9.96 20.60 -17.60
C LYS B 42 -8.76 21.52 -17.77
N ARG B 43 -8.17 21.48 -18.96
CA ARG B 43 -7.07 22.36 -19.36
C ARG B 43 -7.37 23.83 -19.11
N GLU B 44 -8.63 24.22 -19.26
CA GLU B 44 -9.06 25.61 -19.04
C GLU B 44 -8.66 26.13 -17.67
N ALA B 45 -8.67 25.23 -16.68
CA ALA B 45 -8.28 25.63 -15.31
C ALA B 45 -6.91 26.29 -15.27
N ILE B 46 -5.97 25.79 -16.09
CA ILE B 46 -4.61 26.34 -16.16
C ILE B 46 -4.62 27.78 -16.68
N ALA B 47 -5.40 28.04 -17.74
CA ALA B 47 -5.59 29.42 -18.24
C ALA B 47 -6.13 30.36 -17.16
N ARG B 48 -7.07 29.87 -16.36
CA ARG B 48 -7.61 30.64 -15.23
C ARG B 48 -6.60 31.02 -14.14
N ILE B 49 -5.67 30.09 -13.86
CA ILE B 49 -4.61 30.32 -12.90
C ILE B 49 -3.75 31.47 -13.41
N GLU B 50 -3.41 31.41 -14.71
CA GLU B 50 -2.63 32.48 -15.35
C GLU B 50 -3.35 33.83 -15.30
N LYS B 51 -4.67 33.79 -15.50
CA LYS B 51 -5.50 35.00 -15.48
C LYS B 51 -5.49 35.63 -14.11
N ILE B 52 -5.76 34.81 -13.09
CA ILE B 52 -5.79 35.29 -11.71
C ILE B 52 -4.45 35.91 -11.32
N THR B 53 -3.35 35.26 -11.69
CA THR B 53 -2.05 35.61 -11.13
C THR B 53 -1.19 36.51 -11.99
N GLY B 54 -1.42 36.52 -13.29
CA GLY B 54 -0.52 37.20 -14.22
C GLY B 54 0.83 36.49 -14.43
N LYS B 55 0.93 35.27 -13.93
CA LYS B 55 2.15 34.48 -14.05
C LYS B 55 1.84 33.24 -14.89
N THR B 56 2.86 32.60 -15.45
CA THR B 56 2.62 31.43 -16.27
C THR B 56 3.32 30.20 -15.72
N PRO B 57 2.59 29.38 -14.96
CA PRO B 57 3.14 28.13 -14.44
C PRO B 57 3.45 27.22 -15.62
N ALA B 58 4.49 26.40 -15.55
CA ALA B 58 4.67 25.42 -16.61
C ALA B 58 3.56 24.39 -16.47
N PHE B 59 3.09 23.80 -17.56
CA PHE B 59 2.07 22.75 -17.41
C PHE B 59 2.42 21.58 -18.28
N HIS B 60 2.29 20.40 -17.71
CA HIS B 60 2.56 19.15 -18.43
C HIS B 60 1.38 18.25 -18.28
N GLU B 61 0.76 17.86 -19.39
CA GLU B 61 -0.38 16.97 -19.34
C GLU B 61 0.17 15.56 -19.22
N THR B 62 0.49 15.13 -18.00
CA THR B 62 1.15 13.84 -17.82
C THR B 62 0.59 13.03 -16.65
N ASP B 63 0.56 11.72 -16.86
CA ASP B 63 0.19 10.77 -15.84
C ASP B 63 1.41 10.64 -14.96
N VAL B 64 1.31 11.07 -13.72
CA VAL B 64 2.51 11.09 -12.91
C VAL B 64 2.99 9.71 -12.44
N SER B 65 2.18 8.67 -12.65
CA SER B 65 2.60 7.28 -12.41
C SER B 65 3.53 6.77 -13.54
N ASP B 66 3.60 7.50 -14.64
CA ASP B 66 4.55 7.17 -15.72
C ASP B 66 5.89 7.78 -15.30
N GLU B 67 6.76 6.97 -14.71
CA GLU B 67 8.00 7.50 -14.16
C GLU B 67 8.89 8.12 -15.24
N ARG B 68 8.81 7.58 -16.46
CA ARG B 68 9.63 8.12 -17.54
C ARG B 68 9.16 9.49 -17.96
N ALA B 69 7.86 9.67 -18.11
CA ALA B 69 7.27 10.96 -18.44
C ALA B 69 7.57 11.96 -17.33
N LEU B 70 7.46 11.52 -16.08
CA LEU B 70 7.71 12.38 -14.93
C LEU B 70 9.17 12.82 -14.88
N ALA B 71 10.10 11.88 -15.10
CA ALA B 71 11.53 12.24 -15.17
C ALA B 71 11.83 13.36 -16.20
N ARG B 72 11.13 13.37 -17.32
CA ARG B 72 11.29 14.39 -18.37
C ARG B 72 10.88 15.77 -17.86
N ILE B 73 9.95 15.79 -16.92
CA ILE B 73 9.56 17.05 -16.28
C ILE B 73 10.71 17.60 -15.40
N PHE B 74 11.28 16.74 -14.57
CA PHE B 74 12.44 17.12 -13.77
C PHE B 74 13.63 17.57 -14.63
N ASP B 75 13.79 16.92 -15.79
CA ASP B 75 14.85 17.29 -16.77
C ASP B 75 14.73 18.73 -17.16
N ALA B 76 13.49 19.21 -17.25
CA ALA B 76 13.21 20.54 -17.81
C ALA B 76 13.13 21.66 -16.78
N HIS B 77 13.06 21.33 -15.49
CA HIS B 77 12.78 22.34 -14.47
C HIS B 77 13.58 22.12 -13.20
N PRO B 78 14.06 23.21 -12.57
CA PRO B 78 14.85 23.16 -11.33
C PRO B 78 13.99 22.97 -10.04
N ILE B 79 13.25 21.87 -10.01
CA ILE B 79 12.32 21.55 -8.91
C ILE B 79 13.05 21.47 -7.57
N THR B 80 12.48 22.14 -6.58
CA THR B 80 13.03 22.19 -5.21
C THR B 80 12.14 21.44 -4.20
N ALA B 81 10.85 21.32 -4.54
CA ALA B 81 9.91 20.59 -3.69
C ALA B 81 8.73 20.16 -4.53
N ALA B 82 7.95 19.20 -4.05
CA ALA B 82 6.72 18.79 -4.74
C ALA B 82 5.53 18.82 -3.76
N ILE B 83 4.35 19.13 -4.26
CA ILE B 83 3.14 18.99 -3.46
C ILE B 83 2.28 18.04 -4.27
N HIS B 84 1.94 16.90 -3.68
CA HIS B 84 1.30 15.82 -4.42
C HIS B 84 -0.19 15.76 -4.16
N PHE B 85 -0.98 16.40 -5.03
CA PHE B 85 -2.46 16.37 -4.97
C PHE B 85 -3.05 15.28 -5.86
N ALA B 86 -2.24 14.67 -6.73
CA ALA B 86 -2.78 13.77 -7.76
C ALA B 86 -3.35 12.51 -7.10
N ALA B 87 -4.65 12.30 -7.29
CA ALA B 87 -5.30 11.11 -6.79
C ALA B 87 -6.66 11.07 -7.36
N LEU B 88 -7.24 9.87 -7.34
CA LEU B 88 -8.67 9.70 -7.54
C LEU B 88 -9.27 9.77 -6.14
N LYS B 89 -10.44 10.40 -6.01
CA LYS B 89 -10.96 10.69 -4.70
C LYS B 89 -12.48 10.39 -4.52
N ALA B 90 -13.12 9.70 -5.46
CA ALA B 90 -14.54 9.38 -5.28
C ALA B 90 -14.70 8.16 -4.36
N VAL B 91 -15.15 8.38 -3.13
CA VAL B 91 -15.22 7.29 -2.14
C VAL B 91 -16.07 6.10 -2.62
N GLY B 92 -17.27 6.41 -3.13
CA GLY B 92 -18.15 5.37 -3.69
C GLY B 92 -17.52 4.55 -4.80
N GLU B 93 -16.88 5.24 -5.75
CA GLU B 93 -16.19 4.59 -6.86
C GLU B 93 -15.03 3.74 -6.36
N SER B 94 -14.37 4.20 -5.28
CA SER B 94 -13.25 3.43 -4.70
C SER B 94 -13.68 2.07 -4.17
N VAL B 95 -14.90 1.99 -3.61
CA VAL B 95 -15.47 0.70 -3.15
C VAL B 95 -15.76 -0.22 -4.33
N ALA B 96 -16.33 0.33 -5.39
CA ALA B 96 -16.62 -0.44 -6.62
C ALA B 96 -15.38 -0.81 -7.46
N LYS B 97 -14.31 -0.03 -7.35
CA LYS B 97 -13.19 -0.13 -8.27
C LYS B 97 -11.83 -0.03 -7.55
N PRO B 98 -11.60 -0.92 -6.56
CA PRO B 98 -10.44 -0.77 -5.69
C PRO B 98 -9.12 -0.88 -6.46
N ILE B 99 -9.07 -1.75 -7.46
CA ILE B 99 -7.81 -1.97 -8.19
C ILE B 99 -7.36 -0.65 -8.84
N GLU B 100 -8.32 0.05 -9.44
CA GLU B 100 -8.06 1.34 -10.12
C GLU B 100 -7.59 2.41 -9.14
N TYR B 101 -8.22 2.46 -7.97
CA TYR B 101 -7.81 3.38 -6.90
C TYR B 101 -6.42 3.08 -6.36
N TYR B 102 -6.14 1.84 -5.96
CA TYR B 102 -4.82 1.46 -5.49
C TYR B 102 -3.75 1.74 -6.53
N ARG B 103 -4.00 1.34 -7.77
CA ARG B 103 -3.05 1.57 -8.85
C ARG B 103 -2.80 3.08 -9.01
N ASN B 104 -3.86 3.86 -9.24
CA ASN B 104 -3.67 5.30 -9.46
C ASN B 104 -3.01 5.98 -8.27
N ASN B 105 -3.59 5.81 -7.08
CA ASN B 105 -3.14 6.61 -5.94
C ASN B 105 -1.78 6.19 -5.41
N LEU B 106 -1.50 4.89 -5.42
CA LEU B 106 -0.22 4.41 -4.96
C LEU B 106 0.91 4.57 -6.01
N ASP B 107 0.62 4.26 -7.27
CA ASP B 107 1.65 4.36 -8.32
C ASP B 107 2.07 5.79 -8.59
N SER B 108 1.11 6.71 -8.56
CA SER B 108 1.43 8.14 -8.78
C SER B 108 2.41 8.63 -7.72
N LEU B 109 2.15 8.27 -6.46
CA LEU B 109 3.06 8.64 -5.36
C LEU B 109 4.38 7.91 -5.48
N LEU B 110 4.34 6.62 -5.74
CA LEU B 110 5.59 5.87 -5.82
C LEU B 110 6.48 6.34 -6.99
N SER B 111 5.87 6.60 -8.13
CA SER B 111 6.62 7.15 -9.28
C SER B 111 7.24 8.50 -8.92
N LEU B 112 6.45 9.38 -8.33
CA LEU B 112 6.98 10.65 -7.82
C LEU B 112 8.13 10.45 -6.88
N LEU B 113 8.01 9.57 -5.89
CA LEU B 113 9.10 9.42 -4.93
C LEU B 113 10.35 8.82 -5.59
N ARG B 114 10.17 7.93 -6.56
CA ARG B 114 11.31 7.30 -7.23
C ARG B 114 12.13 8.39 -7.93
N VAL B 115 11.43 9.20 -8.72
CA VAL B 115 12.07 10.31 -9.48
C VAL B 115 12.70 11.36 -8.59
N MET B 116 12.01 11.77 -7.53
CA MET B 116 12.60 12.67 -6.55
C MET B 116 13.90 12.14 -5.90
N ARG B 117 13.92 10.86 -5.52
CA ARG B 117 15.15 10.27 -5.02
C ARG B 117 16.26 10.29 -6.07
N GLU B 118 15.91 9.96 -7.31
CA GLU B 118 16.88 9.95 -8.42
C GLU B 118 17.53 11.31 -8.66
N ARG B 119 16.75 12.38 -8.46
CA ARG B 119 17.19 13.74 -8.71
C ARG B 119 17.59 14.48 -7.43
N ALA B 120 17.56 13.77 -6.31
CA ALA B 120 17.94 14.31 -5.00
C ALA B 120 17.09 15.51 -4.61
N VAL B 121 15.78 15.43 -4.89
CA VAL B 121 14.86 16.46 -4.42
C VAL B 121 14.05 15.82 -3.27
N LYS B 122 14.12 16.37 -2.09
CA LYS B 122 13.69 15.59 -0.91
C LYS B 122 12.71 16.32 0.00
N ARG B 123 11.90 17.18 -0.58
CA ARG B 123 10.90 17.93 0.20
C ARG B 123 9.58 17.70 -0.46
N ILE B 124 8.65 17.18 0.31
CA ILE B 124 7.34 16.85 -0.25
C ILE B 124 6.21 17.19 0.71
N VAL B 125 5.13 17.70 0.15
CA VAL B 125 3.91 17.92 0.88
C VAL B 125 2.84 17.00 0.27
N PHE B 126 2.21 16.22 1.13
CA PHE B 126 1.25 15.22 0.71
C PHE B 126 -0.20 15.51 1.22
N SER B 127 -1.16 15.32 0.30
CA SER B 127 -2.59 15.53 0.52
C SER B 127 -3.18 14.31 1.17
N SER B 128 -3.29 14.35 2.49
CA SER B 128 -3.99 13.28 3.18
C SER B 128 -5.39 13.80 3.57
N SER B 129 -6.09 13.04 4.41
CA SER B 129 -7.49 13.30 4.63
C SER B 129 -7.91 12.87 6.02
N ALA B 130 -8.90 13.57 6.60
CA ALA B 130 -9.58 13.12 7.83
C ALA B 130 -10.17 11.71 7.75
N THR B 131 -10.29 11.17 6.54
CA THR B 131 -10.70 9.79 6.39
C THR B 131 -9.80 8.77 7.12
N VAL B 132 -8.54 9.13 7.37
CA VAL B 132 -7.60 8.24 8.06
C VAL B 132 -7.99 7.98 9.54
N TYR B 133 -8.91 8.79 10.06
CA TYR B 133 -9.35 8.64 11.44
C TYR B 133 -10.47 7.60 11.60
N GLY B 134 -10.93 7.06 10.47
CA GLY B 134 -12.03 6.06 10.41
C GLY B 134 -13.26 6.64 11.05
N VAL B 135 -13.87 5.86 11.95
CA VAL B 135 -14.99 6.36 12.74
C VAL B 135 -14.46 6.95 14.04
N PRO B 136 -14.42 8.29 14.16
CA PRO B 136 -13.75 8.85 15.34
C PRO B 136 -14.50 8.58 16.63
N GLU B 137 -13.76 8.47 17.73
CA GLU B 137 -14.39 8.19 19.02
C GLU B 137 -15.08 9.45 19.54
N ARG B 138 -14.55 10.61 19.13
CA ARG B 138 -15.05 11.94 19.51
C ARG B 138 -14.39 13.03 18.64
N SER B 139 -14.93 14.24 18.68
CA SER B 139 -14.23 15.39 18.14
C SER B 139 -14.10 16.41 19.26
N PRO B 140 -13.16 17.38 19.14
CA PRO B 140 -12.25 17.57 18.01
C PRO B 140 -11.20 16.46 17.92
N ILE B 141 -10.88 16.08 16.68
CA ILE B 141 -9.92 15.03 16.44
C ILE B 141 -8.50 15.60 16.40
N ASP B 142 -7.61 15.01 17.19
CA ASP B 142 -6.21 15.36 17.02
C ASP B 142 -5.39 14.28 16.36
N GLU B 143 -4.16 14.65 15.99
CA GLU B 143 -3.34 13.87 15.05
C GLU B 143 -2.93 12.50 15.59
N THR B 144 -2.95 12.35 16.91
CA THR B 144 -2.58 11.10 17.60
C THR B 144 -3.72 10.08 17.75
N PHE B 145 -4.92 10.41 17.29
CA PHE B 145 -6.04 9.47 17.27
C PHE B 145 -5.66 8.25 16.46
N PRO B 146 -6.24 7.08 16.79
CA PRO B 146 -5.97 5.84 16.07
C PRO B 146 -6.35 5.98 14.59
N LEU B 147 -5.58 5.36 13.71
CA LEU B 147 -5.85 5.47 12.26
C LEU B 147 -6.50 4.22 11.72
N SER B 148 -7.50 4.38 10.86
CA SER B 148 -8.16 3.26 10.21
C SER B 148 -8.98 3.84 9.06
N ALA B 149 -9.43 3.01 8.14
CA ALA B 149 -10.23 3.55 7.03
C ALA B 149 -11.32 2.57 6.71
N THR B 150 -12.43 3.10 6.17
CA THR B 150 -13.57 2.27 5.87
C THR B 150 -13.80 2.04 4.37
N ASN B 151 -12.92 2.55 3.52
CA ASN B 151 -13.05 2.35 2.07
C ASN B 151 -11.65 2.35 1.40
N PRO B 152 -11.53 1.80 0.19
CA PRO B 152 -10.23 1.73 -0.48
C PRO B 152 -9.57 3.10 -0.69
N TYR B 153 -10.36 4.14 -0.98
CA TYR B 153 -9.82 5.49 -1.09
C TYR B 153 -9.08 5.84 0.20
N GLY B 154 -9.74 5.70 1.35
CA GLY B 154 -9.06 5.95 2.65
C GLY B 154 -7.83 5.06 2.85
N GLN B 155 -7.95 3.80 2.46
CA GLN B 155 -6.80 2.89 2.54
C GLN B 155 -5.62 3.49 1.77
N THR B 156 -5.87 4.06 0.60
CA THR B 156 -4.74 4.61 -0.17
C THR B 156 -4.03 5.76 0.57
N LYS B 157 -4.79 6.54 1.34
CA LYS B 157 -4.20 7.62 2.14
C LYS B 157 -3.37 7.07 3.29
N LEU B 158 -3.88 6.03 3.95
CA LEU B 158 -3.16 5.38 5.07
C LEU B 158 -1.87 4.77 4.54
N MET B 159 -1.98 4.10 3.40
CA MET B 159 -0.80 3.47 2.80
C MET B 159 0.23 4.50 2.35
N ALA B 160 -0.24 5.59 1.78
CA ALA B 160 0.65 6.68 1.37
C ALA B 160 1.41 7.20 2.58
N GLU B 161 0.70 7.46 3.69
CA GLU B 161 1.37 7.99 4.89
C GLU B 161 2.46 7.04 5.36
N GLN B 162 2.17 5.74 5.36
CA GLN B 162 3.16 4.71 5.70
C GLN B 162 4.38 4.70 4.75
N ILE B 163 4.13 4.68 3.44
CA ILE B 163 5.20 4.76 2.43
C ILE B 163 6.12 5.96 2.69
N LEU B 164 5.52 7.11 2.98
CA LEU B 164 6.31 8.32 3.24
C LEU B 164 7.17 8.25 4.51
N ARG B 165 6.68 7.58 5.55
CA ARG B 165 7.49 7.39 6.75
C ARG B 165 8.68 6.52 6.37
N ASP B 166 8.42 5.48 5.58
CA ASP B 166 9.48 4.56 5.13
C ASP B 166 10.53 5.18 4.22
N VAL B 167 10.11 6.08 3.34
CA VAL B 167 11.08 6.78 2.49
C VAL B 167 12.07 7.59 3.35
N GLU B 168 11.56 8.23 4.40
CA GLU B 168 12.42 8.95 5.35
C GLU B 168 13.25 8.03 6.26
N ALA B 169 12.71 6.87 6.62
CA ALA B 169 13.49 5.88 7.35
C ALA B 169 14.67 5.39 6.50
N ALA B 170 14.46 5.30 5.20
CA ALA B 170 15.53 4.87 4.29
C ALA B 170 16.58 5.98 4.11
N ASP B 171 16.13 7.21 3.96
CA ASP B 171 17.02 8.34 3.80
C ASP B 171 16.49 9.47 4.66
N PRO B 172 17.07 9.62 5.88
CA PRO B 172 16.60 10.62 6.85
C PRO B 172 16.74 12.11 6.48
N SER B 173 17.29 12.43 5.30
CA SER B 173 17.28 13.81 4.78
CA SER B 173 17.27 13.82 4.83
C SER B 173 15.91 14.22 4.23
N TRP B 174 15.05 13.25 3.94
CA TRP B 174 13.70 13.56 3.49
C TRP B 174 12.94 14.40 4.51
N ARG B 175 12.18 15.37 4.02
CA ARG B 175 11.29 16.21 4.82
C ARG B 175 9.89 16.08 4.24
N VAL B 176 8.94 15.60 5.02
CA VAL B 176 7.61 15.27 4.51
C VAL B 176 6.62 16.05 5.39
N ALA B 177 5.80 16.88 4.75
CA ALA B 177 4.65 17.49 5.45
C ALA B 177 3.41 16.76 5.01
N THR B 178 2.82 15.98 5.91
CA THR B 178 1.57 15.28 5.62
C THR B 178 0.45 16.14 6.15
N LEU B 179 -0.52 16.48 5.31
CA LEU B 179 -1.56 17.41 5.74
C LEU B 179 -2.88 16.70 5.60
N ARG B 180 -3.59 16.55 6.71
CA ARG B 180 -4.86 15.80 6.70
C ARG B 180 -5.99 16.78 6.54
N TYR B 181 -6.50 16.95 5.31
CA TYR B 181 -7.56 17.93 5.09
C TYR B 181 -8.89 17.43 5.63
N PHE B 182 -9.69 18.35 6.13
CA PHE B 182 -11.03 18.00 6.51
C PHE B 182 -12.01 18.19 5.33
N ASN B 183 -12.93 19.15 5.35
CA ASN B 183 -13.88 19.31 4.21
C ASN B 183 -13.71 20.65 3.42
N PRO B 184 -12.76 20.68 2.46
CA PRO B 184 -12.62 21.96 1.74
C PRO B 184 -13.83 22.37 0.90
N VAL B 185 -14.16 23.66 1.00
CA VAL B 185 -15.27 24.30 0.29
C VAL B 185 -14.82 25.70 -0.14
N GLY B 186 -15.59 26.36 -1.01
CA GLY B 186 -15.30 27.73 -1.42
C GLY B 186 -14.52 27.83 -2.70
N ALA B 187 -13.99 29.02 -2.96
CA ALA B 187 -13.28 29.31 -4.20
C ALA B 187 -12.50 30.59 -4.04
N HIS B 188 -11.46 30.75 -4.84
CA HIS B 188 -10.71 32.00 -4.88
C HIS B 188 -11.70 33.15 -5.06
N GLU B 189 -11.45 34.27 -4.39
CA GLU B 189 -12.41 35.38 -4.35
C GLU B 189 -12.69 36.01 -5.71
N SER B 190 -11.83 35.75 -6.69
CA SER B 190 -12.01 36.28 -8.05
C SER B 190 -13.18 35.60 -8.75
N GLY B 191 -13.53 34.40 -8.27
CA GLY B 191 -14.58 33.61 -8.88
C GLY B 191 -14.13 32.94 -10.18
N LEU B 192 -12.85 33.08 -10.51
CA LEU B 192 -12.32 32.57 -11.80
C LEU B 192 -11.97 31.08 -11.74
N ILE B 193 -11.79 30.56 -10.52
CA ILE B 193 -11.61 29.12 -10.30
C ILE B 193 -12.50 28.66 -9.15
N GLY B 194 -12.75 27.37 -9.05
CA GLY B 194 -13.63 26.82 -8.02
C GLY B 194 -13.72 25.32 -8.21
N GLU B 195 -14.65 24.69 -7.50
CA GLU B 195 -14.88 23.27 -7.59
C GLU B 195 -15.79 22.98 -8.78
N ASP B 196 -15.32 22.11 -9.67
CA ASP B 196 -16.07 21.82 -10.90
C ASP B 196 -16.32 20.30 -11.07
N PRO B 197 -17.30 19.75 -10.33
CA PRO B 197 -17.49 18.30 -10.38
C PRO B 197 -18.12 17.93 -11.72
N ALA B 198 -17.81 16.74 -12.24
CA ALA B 198 -18.54 16.23 -13.40
C ALA B 198 -19.82 15.56 -12.95
N GLY B 199 -20.91 15.71 -13.71
CA GLY B 199 -22.15 15.01 -13.39
C GLY B 199 -22.79 15.59 -12.13
N ILE B 200 -23.58 14.78 -11.44
CA ILE B 200 -24.13 15.20 -10.16
C ILE B 200 -23.10 15.05 -9.02
N PRO B 201 -22.93 16.12 -8.22
CA PRO B 201 -21.89 16.13 -7.16
C PRO B 201 -22.14 15.15 -6.03
N ASN B 202 -21.09 14.44 -5.63
CA ASN B 202 -21.16 13.56 -4.46
C ASN B 202 -21.08 14.31 -3.15
N ASN B 203 -20.57 15.53 -3.19
CA ASN B 203 -20.27 16.26 -1.95
C ASN B 203 -21.25 17.39 -1.72
N LEU B 204 -21.27 17.89 -0.49
CA LEU B 204 -22.37 18.73 -0.04
C LEU B 204 -22.47 20.08 -0.72
N MET B 205 -21.40 20.86 -0.67
CA MET B 205 -21.62 22.22 -1.10
C MET B 205 -21.85 22.44 -2.60
N PRO B 206 -21.14 21.70 -3.46
CA PRO B 206 -21.47 21.81 -4.90
C PRO B 206 -22.92 21.44 -5.21
N TYR B 207 -23.47 20.44 -4.49
CA TYR B 207 -24.89 20.06 -4.64
C TYR B 207 -25.82 21.18 -4.17
N VAL B 208 -25.54 21.76 -3.00
CA VAL B 208 -26.26 22.92 -2.48
C VAL B 208 -26.18 24.15 -3.43
N ALA B 209 -24.98 24.47 -3.91
CA ALA B 209 -24.80 25.57 -4.86
C ALA B 209 -25.60 25.37 -6.16
N GLN B 210 -25.64 24.13 -6.64
CA GLN B 210 -26.36 23.82 -7.89
C GLN B 210 -27.86 23.82 -7.65
N VAL B 211 -28.29 23.45 -6.44
CA VAL B 211 -29.70 23.57 -6.08
C VAL B 211 -30.08 25.05 -6.00
N ALA B 212 -29.24 25.86 -5.37
CA ALA B 212 -29.49 27.29 -5.24
C ALA B 212 -29.57 28.01 -6.59
N VAL B 213 -28.71 27.64 -7.53
CA VAL B 213 -28.74 28.26 -8.87
C VAL B 213 -29.88 27.68 -9.74
N GLY B 214 -30.27 26.43 -9.47
CA GLY B 214 -31.46 25.84 -10.10
C GLY B 214 -31.15 24.77 -11.12
N LYS B 215 -29.91 24.31 -11.14
CA LYS B 215 -29.47 23.21 -11.98
C LYS B 215 -30.00 21.87 -11.49
N LEU B 216 -30.20 21.76 -10.17
CA LEU B 216 -30.70 20.54 -9.55
C LEU B 216 -31.91 20.96 -8.75
N GLU B 217 -32.94 20.12 -8.71
CA GLU B 217 -34.21 20.59 -8.13
C GLU B 217 -34.24 20.68 -6.60
N LYS B 218 -33.66 19.68 -5.93
CA LYS B 218 -33.61 19.68 -4.47
C LYS B 218 -32.47 18.84 -3.87
N LEU B 219 -31.98 19.32 -2.73
CA LEU B 219 -30.90 18.68 -1.98
C LEU B 219 -31.43 17.43 -1.28
N ARG B 220 -30.77 16.29 -1.42
CA ARG B 220 -31.12 15.15 -0.58
C ARG B 220 -30.24 15.19 0.68
N VAL B 221 -30.85 15.04 1.85
CA VAL B 221 -30.10 14.99 3.12
C VAL B 221 -29.97 13.56 3.59
N PHE B 222 -28.73 13.06 3.63
CA PHE B 222 -28.49 11.66 3.92
C PHE B 222 -28.55 11.36 5.44
N GLY B 223 -29.75 10.99 5.90
CA GLY B 223 -29.97 10.69 7.32
C GLY B 223 -30.37 11.91 8.15
N SER B 224 -31.30 11.71 9.07
CA SER B 224 -31.77 12.76 9.98
C SER B 224 -31.86 12.24 11.41
N ASP B 225 -31.35 11.03 11.66
CA ASP B 225 -31.38 10.42 12.99
C ASP B 225 -29.98 10.18 13.58
N TYR B 226 -29.06 11.12 13.34
CA TYR B 226 -27.72 11.03 13.93
C TYR B 226 -27.75 11.67 15.31
N PRO B 227 -26.94 11.13 16.25
CA PRO B 227 -26.75 11.76 17.57
C PRO B 227 -26.11 13.14 17.50
N THR B 228 -26.70 14.02 16.69
CA THR B 228 -26.30 15.42 16.58
C THR B 228 -27.53 16.28 16.88
N PRO B 229 -27.34 17.58 17.23
CA PRO B 229 -28.43 18.51 17.53
C PRO B 229 -29.66 18.47 16.59
N ASP B 230 -29.47 18.41 15.27
CA ASP B 230 -30.61 18.34 14.34
C ASP B 230 -30.74 16.98 13.67
N GLY B 231 -29.84 16.07 14.01
CA GLY B 231 -29.96 14.72 13.52
C GLY B 231 -29.23 14.51 12.21
N THR B 232 -28.67 15.59 11.65
CA THR B 232 -27.88 15.51 10.40
C THR B 232 -26.37 15.56 10.66
N GLY B 233 -25.57 15.04 9.73
CA GLY B 233 -24.12 14.95 9.89
C GLY B 233 -23.44 16.29 10.17
N VAL B 234 -22.41 16.25 11.01
CA VAL B 234 -21.64 17.47 11.38
C VAL B 234 -20.19 17.33 10.90
N ARG B 235 -19.71 18.37 10.22
CA ARG B 235 -18.41 18.35 9.51
C ARG B 235 -17.60 19.63 9.71
N ASP B 236 -16.28 19.52 9.59
CA ASP B 236 -15.39 20.67 9.67
C ASP B 236 -15.19 21.19 8.24
N TYR B 237 -15.96 22.21 7.83
CA TYR B 237 -15.76 22.84 6.53
C TYR B 237 -14.62 23.81 6.57
N ILE B 238 -13.74 23.78 5.57
CA ILE B 238 -12.59 24.69 5.54
C ILE B 238 -12.43 25.36 4.18
N HIS B 239 -12.25 26.67 4.16
CA HIS B 239 -12.08 27.42 2.90
C HIS B 239 -10.84 26.96 2.16
N VAL B 240 -11.05 26.59 0.89
CA VAL B 240 -9.98 26.05 0.08
C VAL B 240 -8.83 27.06 -0.01
N VAL B 241 -9.12 28.36 0.07
CA VAL B 241 -8.04 29.35 0.07
C VAL B 241 -7.18 29.29 1.37
N ASP B 242 -7.83 29.22 2.52
CA ASP B 242 -7.12 28.87 3.76
C ASP B 242 -6.31 27.56 3.66
N LEU B 243 -6.91 26.53 3.08
CA LEU B 243 -6.21 25.27 2.84
C LEU B 243 -4.94 25.45 2.02
N ALA B 244 -5.07 26.16 0.90
CA ALA B 244 -3.95 26.39 -0.01
C ALA B 244 -2.86 27.12 0.75
N ARG B 245 -3.27 28.12 1.52
CA ARG B 245 -2.34 28.86 2.35
C ARG B 245 -1.57 27.97 3.33
N GLY B 246 -2.25 26.99 3.90
CA GLY B 246 -1.63 25.97 4.76
C GLY B 246 -0.48 25.22 4.11
N HIS B 247 -0.50 25.08 2.78
CA HIS B 247 0.59 24.41 2.07
C HIS B 247 1.88 25.22 2.04
N ILE B 248 1.75 26.52 1.89
CA ILE B 248 2.91 27.44 1.95
C ILE B 248 3.49 27.43 3.37
N ALA B 249 2.63 27.58 4.36
CA ALA B 249 3.03 27.39 5.78
C ALA B 249 3.79 26.07 6.03
N ALA B 250 3.29 24.98 5.44
CA ALA B 250 3.89 23.69 5.61
C ALA B 250 5.30 23.66 5.00
N LEU B 251 5.44 24.13 3.77
CA LEU B 251 6.75 24.18 3.11
C LEU B 251 7.75 24.95 3.98
N ASP B 252 7.35 26.11 4.47
CA ASP B 252 8.22 26.90 5.31
C ASP B 252 8.63 26.15 6.59
N ALA B 253 7.67 25.49 7.23
CA ALA B 253 7.92 24.79 8.49
C ALA B 253 8.89 23.63 8.33
N LEU B 254 8.88 22.99 7.15
CA LEU B 254 9.81 21.90 6.84
C LEU B 254 11.25 22.41 6.90
N GLU B 255 11.44 23.63 6.42
CA GLU B 255 12.70 24.32 6.41
C GLU B 255 13.13 24.75 7.81
N ARG B 256 12.23 25.42 8.52
CA ARG B 256 12.45 25.92 9.89
C ARG B 256 12.79 24.84 10.90
N ARG B 257 11.97 23.82 10.96
CA ARG B 257 12.15 22.79 11.96
C ARG B 257 13.14 21.76 11.45
N ASP B 258 13.48 21.87 10.16
CA ASP B 258 14.30 20.86 9.49
C ASP B 258 13.85 19.49 9.95
N ALA B 259 12.54 19.28 9.86
CA ALA B 259 11.91 18.06 10.32
C ALA B 259 10.53 17.90 9.66
N SER B 260 10.16 16.65 9.43
CA SER B 260 8.86 16.30 8.86
C SER B 260 7.75 16.64 9.83
N LEU B 261 6.53 16.80 9.32
CA LEU B 261 5.39 17.10 10.20
C LEU B 261 4.13 16.52 9.63
N THR B 262 3.19 16.25 10.52
CA THR B 262 1.88 15.73 10.16
C THR B 262 0.83 16.51 10.97
N VAL B 263 0.03 17.32 10.28
CA VAL B 263 -0.99 18.14 10.93
C VAL B 263 -2.35 18.11 10.23
N ASN B 264 -3.41 18.25 11.02
CA ASN B 264 -4.76 18.49 10.48
C ASN B 264 -4.81 19.87 9.89
N LEU B 265 -5.58 20.02 8.80
CA LEU B 265 -5.97 21.35 8.31
C LEU B 265 -7.51 21.41 8.38
N GLY B 266 -7.98 22.07 9.43
CA GLY B 266 -9.42 22.25 9.65
C GLY B 266 -9.57 23.55 10.40
N THR B 267 -10.83 23.89 10.69
CA THR B 267 -11.16 25.12 11.43
C THR B 267 -11.31 24.86 12.92
N GLY B 268 -11.68 23.63 13.28
CA GLY B 268 -11.97 23.30 14.68
C GLY B 268 -13.45 23.45 15.01
N ARG B 269 -14.23 23.95 14.04
CA ARG B 269 -15.67 24.10 14.22
C ARG B 269 -16.48 23.30 13.20
N GLY B 270 -17.35 22.43 13.73
CA GLY B 270 -18.23 21.60 12.93
C GLY B 270 -19.56 22.28 12.69
N TYR B 271 -20.13 22.09 11.50
CA TYR B 271 -21.46 22.61 11.17
C TYR B 271 -22.28 21.48 10.61
N SER B 272 -23.58 21.47 10.89
CA SER B 272 -24.42 20.36 10.43
C SER B 272 -24.87 20.60 8.99
N VAL B 273 -25.40 19.57 8.35
CA VAL B 273 -25.89 19.68 6.97
C VAL B 273 -26.90 20.81 6.82
N LEU B 274 -27.81 20.91 7.79
CA LEU B 274 -28.84 21.94 7.72
C LEU B 274 -28.27 23.33 7.99
N GLU B 275 -27.23 23.42 8.82
CA GLU B 275 -26.53 24.71 9.05
C GLU B 275 -25.82 25.22 7.79
N VAL B 276 -25.23 24.33 7.01
CA VAL B 276 -24.65 24.75 5.72
C VAL B 276 -25.73 25.33 4.77
N VAL B 277 -26.82 24.59 4.62
CA VAL B 277 -27.98 25.00 3.78
C VAL B 277 -28.41 26.41 4.15
N ARG B 278 -28.66 26.63 5.45
CA ARG B 278 -29.07 27.93 5.96
C ARG B 278 -28.08 29.03 5.63
N ALA B 279 -26.78 28.77 5.78
CA ALA B 279 -25.78 29.80 5.50
C ALA B 279 -25.69 30.10 4.01
N PHE B 280 -25.84 29.07 3.18
CA PHE B 280 -25.72 29.29 1.74
C PHE B 280 -26.85 30.18 1.24
N GLU B 281 -28.06 29.90 1.72
CA GLU B 281 -29.25 30.76 1.45
C GLU B 281 -29.00 32.23 1.72
N LYS B 282 -28.37 32.51 2.86
CA LYS B 282 -28.07 33.89 3.21
C LYS B 282 -27.04 34.55 2.30
N ALA B 283 -25.98 33.82 1.94
CA ALA B 283 -24.91 34.43 1.16
C ALA B 283 -25.32 34.62 -0.30
N SER B 284 -26.18 33.74 -0.77
CA SER B 284 -26.58 33.72 -2.18
C SER B 284 -27.86 34.51 -2.40
N GLY B 285 -28.71 34.55 -1.37
CA GLY B 285 -30.02 35.18 -1.49
C GLY B 285 -30.99 34.25 -2.19
N ARG B 286 -30.65 32.96 -2.24
CA ARG B 286 -31.47 31.97 -2.92
C ARG B 286 -31.92 30.90 -1.95
N ALA B 287 -33.08 30.31 -2.25
CA ALA B 287 -33.60 29.18 -1.48
C ALA B 287 -32.96 27.86 -1.86
N VAL B 288 -32.79 26.97 -0.89
CA VAL B 288 -32.27 25.63 -1.10
C VAL B 288 -33.21 24.53 -0.57
N PRO B 289 -34.16 24.08 -1.40
CA PRO B 289 -35.06 23.00 -0.97
C PRO B 289 -34.38 21.65 -0.78
N TYR B 290 -34.86 20.89 0.21
CA TYR B 290 -34.31 19.56 0.49
C TYR B 290 -35.34 18.52 0.93
N GLU B 291 -34.98 17.25 0.74
CA GLU B 291 -35.76 16.13 1.26
C GLU B 291 -34.88 15.36 2.25
N LEU B 292 -35.42 15.03 3.43
CA LEU B 292 -34.71 14.21 4.39
C LEU B 292 -34.82 12.77 3.96
N VAL B 293 -33.69 12.12 3.70
CA VAL B 293 -33.68 10.73 3.19
C VAL B 293 -32.83 9.79 4.08
N ALA B 294 -32.66 8.54 3.66
CA ALA B 294 -31.89 7.56 4.44
C ALA B 294 -30.39 7.88 4.49
N ARG B 295 -29.73 7.41 5.54
CA ARG B 295 -28.30 7.59 5.76
C ARG B 295 -27.50 7.04 4.59
N ARG B 296 -26.39 7.71 4.26
CA ARG B 296 -25.46 7.23 3.25
C ARG B 296 -24.49 6.25 3.89
N PRO B 297 -24.48 4.99 3.43
CA PRO B 297 -23.54 4.02 4.06
C PRO B 297 -22.11 4.58 4.07
N GLY B 298 -21.41 4.37 5.19
CA GLY B 298 -20.05 4.88 5.38
C GLY B 298 -20.00 6.22 6.07
N ASP B 299 -21.12 6.94 6.07
CA ASP B 299 -21.16 8.28 6.68
C ASP B 299 -21.07 8.22 8.19
N VAL B 300 -20.21 9.09 8.71
CA VAL B 300 -20.02 9.31 10.12
C VAL B 300 -20.98 10.41 10.62
N ALA B 301 -21.45 10.29 11.85
CA ALA B 301 -22.32 11.31 12.46
C ALA B 301 -21.64 12.66 12.62
N GLU B 302 -20.40 12.64 13.08
CA GLU B 302 -19.73 13.88 13.45
C GLU B 302 -18.21 13.78 13.34
N CYS B 303 -17.60 14.78 12.73
CA CYS B 303 -16.15 14.79 12.54
CA CYS B 303 -16.16 14.82 12.67
C CYS B 303 -15.67 16.23 12.39
N TYR B 304 -14.83 16.70 13.31
CA TYR B 304 -14.14 17.98 13.12
C TYR B 304 -12.78 17.95 13.79
N ALA B 305 -11.92 18.86 13.38
CA ALA B 305 -10.50 18.80 13.66
C ALA B 305 -10.16 19.50 14.96
N ASN B 306 -9.07 19.07 15.60
CA ASN B 306 -8.40 19.91 16.56
C ASN B 306 -7.33 20.65 15.77
N PRO B 307 -7.45 21.98 15.62
CA PRO B 307 -6.51 22.72 14.80
C PRO B 307 -5.24 23.17 15.56
N ALA B 308 -5.09 22.70 16.80
CA ALA B 308 -4.01 23.16 17.69
C ALA B 308 -2.60 22.87 17.17
N ALA B 309 -2.37 21.65 16.69
CA ALA B 309 -1.04 21.25 16.22
C ALA B 309 -0.56 22.06 15.03
N ALA B 310 -1.44 22.32 14.06
CA ALA B 310 -1.11 23.19 12.90
C ALA B 310 -0.75 24.60 13.35
N ALA B 311 -1.53 25.14 14.29
CA ALA B 311 -1.28 26.49 14.76
C ALA B 311 0.13 26.59 15.35
N GLU B 312 0.48 25.58 16.15
CA GLU B 312 1.75 25.53 16.87
C GLU B 312 2.92 25.16 15.94
N THR B 313 2.69 24.16 15.09
CA THR B 313 3.74 23.55 14.27
C THR B 313 4.02 24.33 13.00
N ILE B 314 2.98 24.77 12.30
CA ILE B 314 3.21 25.53 11.06
C ILE B 314 2.76 26.99 11.09
N GLY B 315 2.32 27.47 12.26
CA GLY B 315 1.91 28.87 12.40
C GLY B 315 0.67 29.26 11.60
N TRP B 316 -0.21 28.31 11.37
CA TRP B 316 -1.34 28.53 10.47
C TRP B 316 -2.68 28.33 11.19
N LYS B 317 -3.63 29.18 10.85
CA LYS B 317 -5.02 29.08 11.31
C LYS B 317 -5.94 29.41 10.14
N ALA B 318 -7.08 28.75 10.08
CA ALA B 318 -8.13 29.11 9.12
C ALA B 318 -8.71 30.48 9.48
N GLU B 319 -8.80 31.39 8.50
CA GLU B 319 -9.32 32.76 8.73
C GLU B 319 -10.76 32.91 8.23
N ARG B 320 -11.07 32.26 7.11
CA ARG B 320 -12.36 32.46 6.46
C ARG B 320 -13.50 31.66 7.12
N ASP B 321 -14.61 32.33 7.42
CA ASP B 321 -15.73 31.65 8.06
C ASP B 321 -16.72 31.00 7.07
N LEU B 322 -17.75 30.33 7.59
CA LEU B 322 -18.70 29.59 6.75
C LEU B 322 -19.45 30.51 5.79
N GLU B 323 -19.69 31.74 6.23
CA GLU B 323 -20.34 32.75 5.43
C GLU B 323 -19.47 33.06 4.21
N ARG B 324 -18.18 33.28 4.45
CA ARG B 324 -17.24 33.57 3.38
C ARG B 324 -17.10 32.37 2.41
N MET B 325 -17.12 31.16 2.97
CA MET B 325 -17.03 29.92 2.17
C MET B 325 -18.20 29.85 1.21
N CYS B 326 -19.41 30.02 1.74
CA CYS B 326 -20.61 30.05 0.89
C CYS B 326 -20.58 31.18 -0.19
N ALA B 327 -20.30 32.42 0.20
CA ALA B 327 -20.25 33.54 -0.76
C ALA B 327 -19.25 33.33 -1.89
N ASP B 328 -18.07 32.81 -1.54
CA ASP B 328 -17.04 32.57 -2.54
C ASP B 328 -17.42 31.40 -3.48
N HIS B 329 -18.04 30.37 -2.91
CA HIS B 329 -18.48 29.20 -3.69
C HIS B 329 -19.57 29.66 -4.65
N TRP B 330 -20.43 30.55 -4.14
CA TRP B 330 -21.58 31.03 -4.91
C TRP B 330 -21.18 31.89 -6.09
N ARG B 331 -20.12 32.68 -5.91
CA ARG B 331 -19.60 33.54 -6.98
C ARG B 331 -19.03 32.69 -8.11
N TRP B 332 -18.26 31.67 -7.74
CA TRP B 332 -17.78 30.71 -8.72
C TRP B 332 -18.98 30.12 -9.47
N GLN B 333 -19.95 29.60 -8.72
CA GLN B 333 -21.13 28.97 -9.33
C GLN B 333 -21.86 29.87 -10.34
N GLU B 334 -22.20 31.09 -9.92
CA GLU B 334 -22.89 32.03 -10.83
C GLU B 334 -22.12 32.45 -12.08
N ASN B 335 -20.84 32.75 -11.90
CA ASN B 335 -20.02 33.27 -13.01
C ASN B 335 -19.59 32.20 -14.01
N ASN B 336 -19.73 30.93 -13.64
CA ASN B 336 -19.22 29.85 -14.47
C ASN B 336 -20.25 28.73 -14.58
N PRO B 337 -21.38 29.01 -15.27
CA PRO B 337 -22.44 28.01 -15.40
C PRO B 337 -21.91 26.80 -16.16
N ARG B 338 -21.00 27.06 -17.10
CA ARG B 338 -20.34 26.03 -17.92
C ARG B 338 -19.19 25.37 -17.13
N GLY B 339 -18.92 25.88 -15.93
CA GLY B 339 -17.73 25.47 -15.19
C GLY B 339 -16.54 25.89 -16.03
N PHE B 340 -15.55 25.01 -16.16
CA PHE B 340 -14.43 25.32 -17.03
C PHE B 340 -14.74 24.97 -18.49
#